data_2QB0
#
_entry.id   2QB0
#
_cell.length_a   122.620
_cell.length_b   122.620
_cell.length_c   53.586
_cell.angle_alpha   90.00
_cell.angle_beta   90.00
_cell.angle_gamma   120.00
#
_symmetry.space_group_name_H-M   'P 32'
#
loop_
_entity.id
_entity.type
_entity.pdbx_description
1 polymer 'Transcription factor ETV6'
2 polymer 'Transcription factor ETV6,Endolysin'
3 non-polymer 'MANGANESE (II) ION'
4 water water
#
loop_
_entity_poly.entity_id
_entity_poly.type
_entity_poly.pdbx_seq_one_letter_code
_entity_poly.pdbx_strand_id
1 'polypeptide(L)' SIRLPAHLRLQPIYWSRDDVAQWLKWAENEFSLRPIDSNTFEMNGKALLLLTKEDFRYRSPHSGDELYELLQHILKQ A,C
2 'polypeptide(L)'
;SIRLPAHLRLQPIYWSRDDVAQWLKWAENEFSLRPIDSNTFEMNGKALLLLTKEDFRYRSPHSGDVLYELLQHILKQAGP
NIFEMLRIDEGLRLKIYKDTEGYYTIGIGHLLTKSPSLNAAKSELDKAIGRNTNGVITKDEAEKLFCQDVDAAVRGILRN
AKLKPVYDSLDCVRRAALINMVFQMGETGVAGFTNSLRMLQQKRWDEAAVNLAKSRWYNQTPNRAKRVITTFRTGTWDAY
K
;
B,D
#
loop_
_chem_comp.id
_chem_comp.type
_chem_comp.name
_chem_comp.formula
MN non-polymer 'MANGANESE (II) ION' 'Mn 2'
#
# COMPACT_ATOMS: atom_id res chain seq x y z
N SER A 1 -38.89 -38.54 8.76
CA SER A 1 -37.60 -39.26 9.01
C SER A 1 -37.51 -40.53 8.17
N ILE A 2 -36.39 -40.68 7.47
CA ILE A 2 -36.15 -41.84 6.60
C ILE A 2 -35.13 -42.80 7.20
N ARG A 3 -35.57 -44.05 7.43
CA ARG A 3 -34.72 -45.07 8.04
C ARG A 3 -34.14 -46.05 7.02
N LEU A 4 -32.84 -45.94 6.81
CA LEU A 4 -32.12 -46.77 5.84
C LEU A 4 -31.37 -47.92 6.54
N PRO A 5 -30.84 -48.89 5.77
CA PRO A 5 -30.15 -50.02 6.40
C PRO A 5 -28.96 -49.58 7.26
N ALA A 6 -28.66 -50.38 8.28
CA ALA A 6 -27.60 -50.08 9.23
C ALA A 6 -26.25 -49.74 8.61
N HIS A 7 -25.84 -50.55 7.62
CA HIS A 7 -24.56 -50.35 6.94
C HIS A 7 -24.44 -49.03 6.17
N LEU A 8 -25.57 -48.33 6.01
CA LEU A 8 -25.60 -47.07 5.28
C LEU A 8 -25.92 -45.85 6.15
N ARG A 9 -26.04 -46.05 7.46
CA ARG A 9 -26.32 -44.94 8.38
C ARG A 9 -25.09 -44.06 8.57
N LEU A 10 -24.02 -44.43 7.87
CA LEU A 10 -22.76 -43.73 7.87
C LEU A 10 -22.89 -42.55 6.90
N GLN A 11 -22.15 -41.48 7.16
CA GLN A 11 -22.19 -40.30 6.28
C GLN A 11 -21.82 -40.69 4.85
N PRO A 12 -22.61 -40.23 3.86
CA PRO A 12 -22.42 -40.57 2.44
C PRO A 12 -21.00 -40.42 1.92
N ILE A 13 -20.20 -39.56 2.55
CA ILE A 13 -18.82 -39.34 2.13
C ILE A 13 -17.94 -40.58 2.37
N TYR A 14 -18.36 -41.44 3.30
CA TYR A 14 -17.63 -42.66 3.62
C TYR A 14 -18.16 -43.89 2.89
N TRP A 15 -19.20 -43.71 2.06
CA TRP A 15 -19.76 -44.83 1.30
C TRP A 15 -18.83 -45.33 0.22
N SER A 16 -18.66 -46.65 0.16
CA SER A 16 -17.89 -47.30 -0.88
C SER A 16 -18.71 -47.40 -2.17
N ARG A 17 -18.07 -47.82 -3.25
CA ARG A 17 -18.73 -48.10 -4.53
C ARG A 17 -19.91 -49.05 -4.33
N ASP A 18 -19.70 -50.06 -3.48
CA ASP A 18 -20.73 -51.07 -3.19
C ASP A 18 -21.86 -50.52 -2.34
N ASP A 19 -21.54 -49.58 -1.45
CA ASP A 19 -22.54 -48.94 -0.61
C ASP A 19 -23.58 -48.16 -1.42
N VAL A 20 -23.14 -47.42 -2.43
CA VAL A 20 -24.09 -46.65 -3.26
C VAL A 20 -24.96 -47.61 -4.09
N ALA A 21 -24.40 -48.75 -4.49
CA ALA A 21 -25.15 -49.79 -5.19
C ALA A 21 -26.26 -50.37 -4.31
N GLN A 22 -25.97 -50.58 -3.02
CA GLN A 22 -26.96 -51.03 -2.05
C GLN A 22 -28.00 -49.95 -1.76
N TRP A 23 -27.56 -48.70 -1.76
CA TRP A 23 -28.45 -47.56 -1.56
C TRP A 23 -29.47 -47.48 -2.70
N LEU A 24 -28.98 -47.62 -3.92
CA LEU A 24 -29.83 -47.68 -5.12
C LEU A 24 -30.87 -48.78 -5.01
N LYS A 25 -30.42 -49.98 -4.63
CA LYS A 25 -31.30 -51.13 -4.49
C LYS A 25 -32.36 -50.91 -3.40
N TRP A 26 -31.94 -50.29 -2.29
CA TRP A 26 -32.84 -49.97 -1.19
C TRP A 26 -33.88 -48.93 -1.62
N ALA A 27 -33.41 -47.84 -2.21
CA ALA A 27 -34.27 -46.75 -2.67
C ALA A 27 -35.33 -47.21 -3.67
N GLU A 28 -34.94 -48.11 -4.57
CA GLU A 28 -35.85 -48.68 -5.55
C GLU A 28 -37.04 -49.36 -4.87
N ASN A 29 -36.78 -50.19 -3.87
CA ASN A 29 -37.84 -50.89 -3.15
C ASN A 29 -38.64 -49.99 -2.21
N GLU A 30 -37.95 -49.10 -1.49
CA GLU A 30 -38.58 -48.21 -0.52
C GLU A 30 -39.53 -47.22 -1.17
N PHE A 31 -39.18 -46.79 -2.39
CA PHE A 31 -39.93 -45.74 -3.07
C PHE A 31 -40.71 -46.18 -4.32
N SER A 32 -40.75 -47.49 -4.56
CA SER A 32 -41.46 -48.09 -5.70
C SER A 32 -41.07 -47.48 -7.05
N LEU A 33 -39.77 -47.36 -7.27
CA LEU A 33 -39.24 -46.76 -8.49
C LEU A 33 -39.06 -47.81 -9.59
N ARG A 34 -38.87 -47.34 -10.81
CA ARG A 34 -38.53 -48.19 -11.95
C ARG A 34 -37.17 -48.84 -11.65
N PRO A 35 -36.93 -50.07 -12.16
CA PRO A 35 -35.67 -50.75 -11.86
C PRO A 35 -34.44 -49.92 -12.22
N ILE A 36 -33.53 -49.77 -11.26
CA ILE A 36 -32.28 -49.05 -11.47
C ILE A 36 -31.18 -50.07 -11.76
N ASP A 37 -30.49 -49.90 -12.87
CA ASP A 37 -29.36 -50.75 -13.22
C ASP A 37 -28.25 -50.55 -12.19
N SER A 38 -27.58 -51.64 -11.82
CA SER A 38 -26.51 -51.60 -10.81
C SER A 38 -25.31 -50.76 -11.23
N ASN A 39 -25.12 -50.58 -12.55
CA ASN A 39 -24.00 -49.83 -13.09
C ASN A 39 -24.31 -48.37 -13.44
N THR A 40 -25.41 -47.85 -12.88
CA THR A 40 -25.84 -46.48 -13.13
C THR A 40 -24.93 -45.47 -12.42
N PHE A 41 -24.46 -45.82 -11.22
CA PHE A 41 -23.56 -44.98 -10.44
C PHE A 41 -22.30 -45.75 -10.03
N GLU A 42 -21.40 -45.98 -10.98
CA GLU A 42 -20.17 -46.72 -10.75
C GLU A 42 -19.11 -45.83 -10.08
N MET A 43 -19.31 -45.54 -8.80
CA MET A 43 -18.50 -44.59 -8.05
C MET A 43 -18.76 -44.70 -6.55
N ASN A 44 -17.85 -44.18 -5.74
CA ASN A 44 -18.03 -44.17 -4.29
C ASN A 44 -18.81 -42.93 -3.88
N GLY A 45 -19.10 -42.82 -2.58
CA GLY A 45 -19.86 -41.69 -2.02
C GLY A 45 -19.26 -40.32 -2.25
N LYS A 46 -17.92 -40.23 -2.18
CA LYS A 46 -17.21 -38.98 -2.44
C LYS A 46 -17.52 -38.45 -3.84
N ALA A 47 -17.62 -39.37 -4.79
CA ALA A 47 -17.95 -39.02 -6.16
C ALA A 47 -19.44 -38.72 -6.32
N LEU A 48 -20.25 -39.43 -5.54
CA LEU A 48 -21.70 -39.26 -5.57
C LEU A 48 -22.07 -37.84 -5.14
N LEU A 49 -21.31 -37.28 -4.21
CA LEU A 49 -21.53 -35.93 -3.71
C LEU A 49 -21.08 -34.79 -4.64
N LEU A 50 -20.39 -35.13 -5.72
CA LEU A 50 -19.85 -34.10 -6.65
C LEU A 50 -20.85 -33.66 -7.72
N LEU A 51 -21.72 -34.60 -8.02
CA LEU A 51 -22.79 -34.65 -8.99
C LEU A 51 -23.94 -33.69 -8.73
N THR A 52 -24.37 -33.03 -9.80
CA THR A 52 -25.48 -32.08 -9.75
C THR A 52 -26.79 -32.86 -9.91
N LYS A 53 -27.92 -32.19 -9.72
CA LYS A 53 -29.23 -32.81 -9.94
C LYS A 53 -29.39 -33.21 -11.41
N GLU A 54 -28.87 -32.39 -12.31
N GLU A 54 -28.87 -32.39 -12.33
CA GLU A 54 -28.87 -32.66 -13.76
CA GLU A 54 -28.89 -32.67 -13.76
C GLU A 54 -28.18 -33.98 -14.08
C GLU A 54 -28.18 -34.00 -14.08
N ASP A 55 -27.08 -34.26 -13.37
CA ASP A 55 -26.31 -35.50 -13.56
C ASP A 55 -27.11 -36.72 -13.13
N PHE A 56 -27.84 -36.59 -12.00
CA PHE A 56 -28.73 -37.63 -11.52
C PHE A 56 -29.84 -37.91 -12.54
N ARG A 57 -30.42 -36.85 -13.09
CA ARG A 57 -31.48 -36.97 -14.10
C ARG A 57 -30.97 -37.67 -15.37
N TYR A 58 -29.75 -37.33 -15.78
CA TYR A 58 -29.14 -37.91 -16.98
C TYR A 58 -28.87 -39.40 -16.78
N ARG A 59 -28.34 -39.75 -15.62
CA ARG A 59 -28.00 -41.13 -15.30
C ARG A 59 -29.25 -41.96 -14.99
N SER A 60 -30.27 -41.32 -14.41
CA SER A 60 -31.54 -41.97 -14.12
C SER A 60 -32.72 -41.10 -14.55
N PRO A 61 -33.14 -41.20 -15.82
CA PRO A 61 -34.27 -40.43 -16.34
C PRO A 61 -35.59 -40.60 -15.58
N HIS A 62 -35.82 -41.78 -15.01
CA HIS A 62 -37.05 -42.07 -14.29
C HIS A 62 -37.06 -41.69 -12.81
N SER A 63 -35.89 -41.76 -12.17
CA SER A 63 -35.80 -41.59 -10.71
C SER A 63 -34.69 -40.66 -10.20
N GLY A 64 -33.90 -40.10 -11.12
CA GLY A 64 -32.77 -39.23 -10.78
C GLY A 64 -33.04 -38.11 -9.80
N ASP A 65 -34.07 -37.30 -10.07
CA ASP A 65 -34.44 -36.19 -9.19
C ASP A 65 -34.79 -36.65 -7.77
N GLU A 66 -35.55 -37.74 -7.70
CA GLU A 66 -35.94 -38.36 -6.43
C GLU A 66 -34.71 -38.82 -5.65
N LEU A 67 -33.80 -39.52 -6.34
CA LEU A 67 -32.55 -40.01 -5.76
C LEU A 67 -31.68 -38.88 -5.19
N TYR A 68 -31.58 -37.79 -5.96
CA TYR A 68 -30.82 -36.63 -5.54
C TYR A 68 -31.39 -36.01 -4.27
N GLU A 69 -32.71 -35.84 -4.25
CA GLU A 69 -33.39 -35.25 -3.09
C GLU A 69 -33.32 -36.15 -1.86
N LEU A 70 -33.31 -37.46 -2.11
CA LEU A 70 -33.18 -38.46 -1.06
C LEU A 70 -31.83 -38.25 -0.39
N LEU A 71 -30.80 -38.06 -1.21
CA LEU A 71 -29.45 -37.83 -0.73
C LEU A 71 -29.36 -36.54 0.09
N GLN A 72 -30.04 -35.48 -0.37
CA GLN A 72 -30.03 -34.21 0.36
C GLN A 72 -30.69 -34.35 1.73
N HIS A 73 -31.72 -35.18 1.83
CA HIS A 73 -32.39 -35.46 3.10
C HIS A 73 -31.52 -36.29 4.03
N ILE A 74 -30.78 -37.24 3.46
CA ILE A 74 -29.84 -38.06 4.24
C ILE A 74 -28.75 -37.16 4.81
N LEU A 75 -28.19 -36.28 3.98
CA LEU A 75 -27.19 -35.32 4.42
C LEU A 75 -27.74 -34.33 5.45
N LYS A 76 -29.01 -33.95 5.29
CA LYS A 76 -29.67 -32.98 6.15
C LYS A 76 -29.83 -33.53 7.58
N GLN A 77 -30.18 -34.81 7.69
CA GLN A 77 -30.36 -35.48 8.98
C GLN A 77 -29.05 -35.60 9.75
N SER B 1 -7.27 27.40 4.38
CA SER B 1 -5.80 27.62 4.41
C SER B 1 -5.05 26.43 3.80
N ILE B 2 -3.87 26.71 3.24
CA ILE B 2 -3.05 25.68 2.58
C ILE B 2 -2.23 24.81 3.55
N ARG B 3 -2.51 23.51 3.52
CA ARG B 3 -1.80 22.52 4.33
C ARG B 3 -0.99 21.61 3.42
N LEU B 4 0.28 21.95 3.23
CA LEU B 4 1.18 21.19 2.37
C LEU B 4 1.97 20.12 3.14
N PRO B 5 2.51 19.12 2.42
CA PRO B 5 3.32 18.08 3.07
C PRO B 5 4.40 18.70 3.96
N ALA B 6 4.60 18.10 5.14
CA ALA B 6 5.53 18.63 6.14
C ALA B 6 6.91 19.02 5.60
N HIS B 7 7.51 18.17 4.77
CA HIS B 7 8.86 18.44 4.25
C HIS B 7 8.93 19.64 3.31
N LEU B 8 7.78 20.03 2.75
CA LEU B 8 7.70 21.19 1.88
C LEU B 8 7.35 22.47 2.64
N ARG B 9 7.20 22.36 3.96
CA ARG B 9 6.93 23.54 4.81
C ARG B 9 8.16 24.43 4.95
N LEU B 10 9.33 23.88 4.63
CA LEU B 10 10.56 24.65 4.55
C LEU B 10 10.42 25.68 3.44
N GLN B 11 10.96 26.88 3.66
CA GLN B 11 10.90 27.93 2.65
C GLN B 11 11.44 27.42 1.32
N PRO B 12 10.77 27.77 0.21
CA PRO B 12 11.12 27.32 -1.13
C PRO B 12 12.60 27.37 -1.48
N ILE B 13 13.33 28.32 -0.90
CA ILE B 13 14.76 28.49 -1.19
C ILE B 13 15.58 27.23 -0.88
N TYR B 14 15.06 26.39 0.01
CA TYR B 14 15.72 25.11 0.35
C TYR B 14 15.25 23.95 -0.52
N TRP B 15 14.23 24.17 -1.35
CA TRP B 15 13.69 23.11 -2.19
C TRP B 15 14.67 22.64 -3.25
N SER B 16 14.79 21.32 -3.36
CA SER B 16 15.59 20.69 -4.40
C SER B 16 14.73 20.55 -5.65
N ARG B 17 15.33 20.10 -6.74
CA ARG B 17 14.59 19.85 -7.98
C ARG B 17 13.47 18.80 -7.80
N ASP B 18 13.74 17.76 -7.01
CA ASP B 18 12.73 16.75 -6.69
C ASP B 18 11.60 17.33 -5.84
N ASP B 19 11.94 18.27 -4.97
CA ASP B 19 10.96 18.96 -4.13
C ASP B 19 9.91 19.72 -4.94
N VAL B 20 10.34 20.45 -5.98
CA VAL B 20 9.38 21.22 -6.78
C VAL B 20 8.48 20.27 -7.56
N ALA B 21 9.04 19.14 -8.00
CA ALA B 21 8.30 18.10 -8.71
C ALA B 21 7.21 17.50 -7.81
N GLN B 22 7.53 17.37 -6.52
CA GLN B 22 6.60 16.87 -5.52
C GLN B 22 5.52 17.90 -5.18
N TRP B 23 5.92 19.17 -5.17
CA TRP B 23 5.01 20.30 -4.96
C TRP B 23 3.98 20.33 -6.09
N LEU B 24 4.46 20.16 -7.32
CA LEU B 24 3.61 20.07 -8.52
C LEU B 24 2.59 18.94 -8.42
N LYS B 25 3.04 17.75 -8.02
CA LYS B 25 2.17 16.59 -7.90
C LYS B 25 1.10 16.82 -6.84
N TRP B 26 1.49 17.45 -5.73
CA TRP B 26 0.57 17.79 -4.66
C TRP B 26 -0.43 18.85 -5.09
N ALA B 27 0.05 19.90 -5.75
CA ALA B 27 -0.79 21.01 -6.19
C ALA B 27 -1.88 20.56 -7.16
N GLU B 28 -1.51 19.67 -8.09
CA GLU B 28 -2.42 19.12 -9.08
C GLU B 28 -3.64 18.46 -8.44
N ASN B 29 -3.41 17.70 -7.37
CA ASN B 29 -4.47 17.00 -6.67
C ASN B 29 -5.27 17.92 -5.73
N GLU B 30 -4.56 18.77 -5.01
CA GLU B 30 -5.19 19.69 -4.06
C GLU B 30 -6.13 20.68 -4.74
N PHE B 31 -5.76 21.09 -5.95
CA PHE B 31 -6.50 22.11 -6.68
C PHE B 31 -7.26 21.62 -7.92
N SER B 32 -7.35 20.30 -8.08
CA SER B 32 -8.06 19.65 -9.19
C SER B 32 -7.64 20.20 -10.56
N LEU B 33 -6.33 20.33 -10.76
CA LEU B 33 -5.79 20.90 -11.97
C LEU B 33 -5.64 19.87 -13.09
N ARG B 34 -5.51 20.38 -14.32
CA ARG B 34 -5.22 19.56 -15.49
C ARG B 34 -3.85 18.95 -15.23
N PRO B 35 -3.60 17.71 -15.68
CA PRO B 35 -2.32 17.06 -15.38
C PRO B 35 -1.10 17.94 -15.63
N ILE B 36 -0.18 17.95 -14.68
CA ILE B 36 1.06 18.72 -14.80
C ILE B 36 2.22 17.79 -15.11
N ASP B 37 2.83 18.00 -16.27
CA ASP B 37 4.03 17.24 -16.66
C ASP B 37 5.12 17.46 -15.62
N SER B 38 5.79 16.38 -15.25
CA SER B 38 6.86 16.42 -14.24
C SER B 38 8.09 17.25 -14.68
N ASN B 39 8.21 17.48 -15.99
CA ASN B 39 9.32 18.24 -16.57
C ASN B 39 9.03 19.73 -16.77
N THR B 40 7.92 20.20 -16.22
CA THR B 40 7.49 21.61 -16.37
C THR B 40 8.48 22.60 -15.76
N PHE B 41 9.00 22.25 -14.58
CA PHE B 41 9.97 23.10 -13.88
C PHE B 41 11.21 22.29 -13.48
N GLU B 42 12.06 22.00 -14.46
CA GLU B 42 13.30 21.26 -14.24
C GLU B 42 14.36 22.15 -13.60
N MET B 43 14.17 22.42 -12.31
CA MET B 43 15.03 23.33 -11.55
C MET B 43 14.72 23.22 -10.06
N ASN B 44 15.60 23.76 -9.23
CA ASN B 44 15.38 23.78 -7.78
C ASN B 44 14.59 25.02 -7.34
N GLY B 45 14.43 25.17 -6.02
CA GLY B 45 13.67 26.27 -5.43
C GLY B 45 14.22 27.66 -5.68
N LYS B 46 15.54 27.81 -5.56
CA LYS B 46 16.20 29.10 -5.81
C LYS B 46 15.88 29.61 -7.21
N ALA B 47 15.86 28.69 -8.18
CA ALA B 47 15.55 29.02 -9.57
C ALA B 47 14.07 29.33 -9.77
N LEU B 48 13.23 28.58 -9.06
CA LEU B 48 11.77 28.73 -9.13
C LEU B 48 11.35 30.13 -8.67
N LEU B 49 12.08 30.67 -7.68
CA LEU B 49 11.81 31.99 -7.13
C LEU B 49 12.25 33.14 -8.04
N LEU B 50 13.02 32.83 -9.08
CA LEU B 50 13.48 33.85 -10.03
C LEU B 50 12.51 34.06 -11.18
N LEU B 51 11.65 33.07 -11.42
CA LEU B 51 10.69 33.13 -12.52
C LEU B 51 9.59 34.15 -12.27
N THR B 52 9.08 34.69 -13.37
CA THR B 52 7.99 35.66 -13.34
C THR B 52 6.66 34.91 -13.48
N LYS B 53 5.55 35.60 -13.31
CA LYS B 53 4.22 35.01 -13.49
C LYS B 53 4.01 34.65 -14.96
N GLU B 54 4.57 35.46 -15.86
CA GLU B 54 4.52 35.19 -17.29
C GLU B 54 5.24 33.88 -17.62
N ASP B 55 6.34 33.61 -16.91
CA ASP B 55 7.10 32.36 -17.09
C ASP B 55 6.30 31.14 -16.66
N PHE B 56 5.58 31.27 -15.54
CA PHE B 56 4.67 30.21 -15.05
C PHE B 56 3.56 29.93 -16.07
N ARG B 57 2.95 30.98 -16.61
CA ARG B 57 1.89 30.83 -17.62
C ARG B 57 2.41 30.15 -18.88
N TYR B 58 3.62 30.51 -19.30
CA TYR B 58 4.23 29.96 -20.50
C TYR B 58 4.54 28.47 -20.32
N ARG B 59 5.00 28.11 -19.13
CA ARG B 59 5.37 26.72 -18.82
C ARG B 59 4.14 25.87 -18.48
N SER B 60 3.12 26.51 -17.91
CA SER B 60 1.86 25.84 -17.61
C SER B 60 0.67 26.72 -18.02
N PRO B 61 0.24 26.63 -19.29
CA PRO B 61 -0.87 27.45 -19.79
C PRO B 61 -2.19 27.22 -19.04
N HIS B 62 -2.38 26.02 -18.49
CA HIS B 62 -3.62 25.70 -17.77
C HIS B 62 -3.60 26.05 -16.28
N SER B 63 -2.42 25.97 -15.65
CA SER B 63 -2.33 26.16 -14.20
C SER B 63 -1.28 27.16 -13.69
N GLY B 64 -0.47 27.70 -14.60
CA GLY B 64 0.63 28.60 -14.25
C GLY B 64 0.34 29.72 -13.26
N ASP B 65 -0.75 30.45 -13.48
CA ASP B 65 -1.13 31.54 -12.59
C ASP B 65 -1.48 31.03 -11.19
N VAL B 66 -2.14 29.88 -11.12
CA VAL B 66 -2.49 29.24 -9.85
C VAL B 66 -1.23 28.83 -9.11
N LEU B 67 -0.30 28.17 -9.81
CA LEU B 67 0.98 27.76 -9.21
C LEU B 67 1.77 28.95 -8.69
N TYR B 68 1.79 30.04 -9.46
CA TYR B 68 2.51 31.24 -9.05
C TYR B 68 1.93 31.85 -7.78
N GLU B 69 0.61 31.98 -7.75
CA GLU B 69 -0.08 32.55 -6.60
C GLU B 69 0.03 31.64 -5.38
N LEU B 70 0.01 30.34 -5.63
CA LEU B 70 0.20 29.34 -4.57
C LEU B 70 1.54 29.61 -3.92
N LEU B 71 2.57 29.78 -4.75
CA LEU B 71 3.93 30.07 -4.29
C LEU B 71 3.99 31.35 -3.48
N GLN B 72 3.27 32.39 -3.92
CA GLN B 72 3.26 33.68 -3.22
C GLN B 72 2.63 33.56 -1.83
N HIS B 73 1.58 32.75 -1.73
CA HIS B 73 0.90 32.50 -0.45
C HIS B 73 1.79 31.71 0.50
N ILE B 74 2.56 30.77 -0.05
CA ILE B 74 3.52 29.98 0.73
C ILE B 74 4.60 30.90 1.32
N LEU B 75 5.08 31.85 0.52
CA LEU B 75 6.08 32.82 0.96
C LEU B 75 5.51 33.83 1.94
N LYS B 76 4.24 34.19 1.75
CA LYS B 76 3.59 35.21 2.58
C LYS B 76 3.37 34.70 4.00
N GLN B 77 2.88 33.47 4.14
CA GLN B 77 2.70 32.90 5.46
C GLN B 77 3.85 31.97 5.92
N ALA B 78 5.06 32.29 5.44
CA ALA B 78 6.30 31.73 5.98
C ALA B 78 6.51 32.27 7.37
N GLY B 79 7.19 31.42 8.13
CA GLY B 79 7.70 31.65 9.43
C GLY B 79 9.19 31.90 9.35
N PRO B 80 9.83 31.93 10.52
CA PRO B 80 11.26 32.19 10.66
C PRO B 80 12.13 31.16 9.94
N ASN B 81 13.28 31.62 9.47
CA ASN B 81 14.23 30.80 8.72
C ASN B 81 15.60 30.78 9.41
N ILE B 82 16.09 29.86 10.23
CA ILE B 82 15.72 28.60 10.88
C ILE B 82 16.21 27.22 10.45
N PHE B 83 16.00 26.83 9.19
CA PHE B 83 16.48 25.51 8.78
C PHE B 83 17.99 25.37 8.79
N GLU B 84 18.69 26.28 8.10
CA GLU B 84 20.16 26.22 8.03
C GLU B 84 20.78 26.57 9.38
N MET B 85 20.12 27.43 10.14
CA MET B 85 20.56 27.81 11.48
C MET B 85 20.70 26.57 12.35
N LEU B 86 19.63 25.77 12.41
CA LEU B 86 19.63 24.54 13.20
C LEU B 86 20.37 23.38 12.54
N ARG B 87 20.51 23.44 11.22
CA ARG B 87 21.31 22.46 10.50
C ARG B 87 22.76 22.58 10.96
N ILE B 88 23.23 23.82 11.07
CA ILE B 88 24.58 24.12 11.55
C ILE B 88 24.73 23.79 13.03
N ASP B 89 23.74 24.19 13.84
CA ASP B 89 23.78 24.00 15.29
C ASP B 89 23.54 22.56 15.77
N GLU B 90 22.65 21.84 15.09
CA GLU B 90 22.30 20.48 15.50
C GLU B 90 22.92 19.41 14.60
N GLY B 91 23.13 19.74 13.33
CA GLY B 91 23.65 18.79 12.34
C GLY B 91 22.52 18.07 11.64
N LEU B 92 22.84 17.41 10.52
CA LEU B 92 21.87 16.59 9.81
C LEU B 92 22.41 15.17 9.73
N ARG B 93 21.68 14.24 10.33
CA ARG B 93 22.07 12.84 10.37
C ARG B 93 20.93 11.96 9.88
N LEU B 94 21.25 11.04 8.97
CA LEU B 94 20.25 10.14 8.39
C LEU B 94 20.07 8.83 9.16
N LYS B 95 21.06 8.49 9.99
CA LYS B 95 21.02 7.28 10.81
C LYS B 95 21.17 7.61 12.29
N ILE B 96 20.44 6.87 13.13
CA ILE B 96 20.51 6.98 14.59
C ILE B 96 21.93 7.13 15.11
N TYR B 97 22.11 8.08 16.02
CA TYR B 97 23.40 8.32 16.66
C TYR B 97 23.14 8.74 18.12
N LYS B 98 24.22 8.85 18.89
CA LYS B 98 24.14 9.28 20.28
C LYS B 98 24.63 10.71 20.40
N ASP B 99 23.88 11.52 21.15
CA ASP B 99 24.26 12.92 21.37
C ASP B 99 25.37 13.03 22.43
N THR B 100 25.63 14.24 22.90
CA THR B 100 26.65 14.47 23.93
C THR B 100 26.28 13.80 25.25
N GLU B 101 24.98 13.69 25.51
CA GLU B 101 24.44 13.07 26.71
C GLU B 101 24.60 11.55 26.66
N GLY B 102 23.89 10.93 25.72
CA GLY B 102 23.89 9.49 25.54
C GLY B 102 22.55 9.00 25.02
N TYR B 103 21.67 9.94 24.73
CA TYR B 103 20.33 9.63 24.24
C TYR B 103 20.30 9.53 22.71
N TYR B 104 19.53 8.57 22.20
CA TYR B 104 19.44 8.32 20.76
C TYR B 104 18.72 9.44 19.99
N THR B 105 19.40 9.93 18.97
CA THR B 105 18.94 11.07 18.17
C THR B 105 19.07 10.79 16.67
N ILE B 106 18.27 11.50 15.87
CA ILE B 106 18.30 11.38 14.41
C ILE B 106 17.87 12.72 13.78
N GLY B 107 18.13 12.87 12.48
CA GLY B 107 17.75 14.07 11.74
C GLY B 107 18.46 15.32 12.24
N ILE B 108 17.69 16.38 12.45
CA ILE B 108 18.23 17.63 12.99
C ILE B 108 17.90 17.72 14.47
N GLY B 109 18.74 17.07 15.28
CA GLY B 109 18.62 17.08 16.74
C GLY B 109 17.29 16.64 17.32
N HIS B 110 16.67 15.65 16.69
CA HIS B 110 15.39 15.12 17.18
C HIS B 110 15.61 14.00 18.19
N LEU B 111 15.21 14.26 19.42
CA LEU B 111 15.30 13.26 20.49
C LEU B 111 14.26 12.17 20.28
N LEU B 112 14.71 10.92 20.31
CA LEU B 112 13.81 9.78 20.13
C LEU B 112 13.32 9.26 21.48
N THR B 113 14.26 8.98 22.38
CA THR B 113 13.97 8.50 23.73
C THR B 113 15.21 8.55 24.63
N LYS B 114 15.01 8.53 25.93
CA LYS B 114 16.11 8.53 26.90
C LYS B 114 16.51 7.11 27.30
N SER B 115 15.93 6.13 26.61
CA SER B 115 16.23 4.72 26.84
C SER B 115 17.61 4.37 26.30
N PRO B 116 18.40 3.59 27.07
CA PRO B 116 19.71 3.18 26.58
C PRO B 116 19.50 2.03 25.58
N SER B 117 18.30 1.46 25.55
CA SER B 117 17.93 0.42 24.59
C SER B 117 17.71 0.99 23.18
N LEU B 118 18.11 0.22 22.16
CA LEU B 118 17.99 0.63 20.76
C LEU B 118 16.60 0.38 20.18
N ASN B 119 15.93 -0.67 20.66
CA ASN B 119 14.60 -1.06 20.18
C ASN B 119 13.53 0.00 20.43
N ALA B 120 13.63 0.68 21.58
CA ALA B 120 12.69 1.73 21.95
C ALA B 120 12.88 2.98 21.10
N ALA B 121 14.11 3.19 20.64
CA ALA B 121 14.45 4.33 19.78
C ALA B 121 13.87 4.17 18.38
N LYS B 122 13.90 2.95 17.85
CA LYS B 122 13.34 2.64 16.54
C LYS B 122 11.81 2.58 16.58
N SER B 123 11.27 2.26 17.75
CA SER B 123 9.82 2.18 17.95
C SER B 123 9.17 3.56 17.88
N GLU B 124 9.81 4.53 18.52
CA GLU B 124 9.33 5.92 18.52
C GLU B 124 9.52 6.57 17.15
N LEU B 125 10.58 6.15 16.45
CA LEU B 125 10.88 6.67 15.11
C LEU B 125 9.86 6.20 14.07
N ASP B 126 9.53 4.91 14.10
CA ASP B 126 8.55 4.32 13.18
C ASP B 126 7.15 4.88 13.40
N LYS B 127 6.87 5.29 14.64
CA LYS B 127 5.59 5.90 14.98
C LYS B 127 5.52 7.33 14.42
N ALA B 128 6.67 8.00 14.39
CA ALA B 128 6.78 9.37 13.90
C ALA B 128 6.86 9.45 12.38
N ILE B 129 7.50 8.47 11.74
CA ILE B 129 7.66 8.45 10.28
C ILE B 129 6.44 7.86 9.57
N GLY B 130 6.00 6.69 10.02
CA GLY B 130 4.85 6.01 9.45
C GLY B 130 5.23 4.86 8.53
N ARG B 131 6.33 4.19 8.88
CA ARG B 131 6.91 3.07 8.14
C ARG B 131 8.11 2.50 8.91
N ASN B 132 8.54 1.29 8.55
CA ASN B 132 9.68 0.65 9.21
C ASN B 132 11.00 1.11 8.63
N THR B 133 11.59 2.12 9.26
CA THR B 133 12.84 2.73 8.83
C THR B 133 14.06 1.85 9.10
N ASN B 134 13.97 1.05 10.15
CA ASN B 134 15.06 0.19 10.61
C ASN B 134 16.31 1.01 10.95
N GLY B 135 16.09 2.23 11.41
CA GLY B 135 17.16 3.13 11.81
C GLY B 135 17.60 4.21 10.83
N VAL B 136 17.13 4.12 9.59
CA VAL B 136 17.55 5.05 8.53
C VAL B 136 16.37 5.81 7.90
N ILE B 137 16.51 7.13 7.83
CA ILE B 137 15.48 8.00 7.26
C ILE B 137 16.00 8.79 6.06
N THR B 138 15.07 9.40 5.30
CA THR B 138 15.42 10.23 4.14
C THR B 138 15.61 11.68 4.52
N LYS B 139 15.71 12.55 3.51
CA LYS B 139 16.07 13.94 3.71
C LYS B 139 15.13 15.00 4.34
N ASP B 140 13.84 15.23 4.12
CA ASP B 140 12.62 14.65 3.58
C ASP B 140 11.84 14.12 4.78
N GLU B 141 12.28 13.00 5.33
CA GLU B 141 11.71 12.53 6.58
C GLU B 141 12.36 13.28 7.75
N ALA B 142 13.60 13.69 7.55
CA ALA B 142 14.32 14.51 8.52
C ALA B 142 13.73 15.92 8.55
N GLU B 143 13.32 16.41 7.37
CA GLU B 143 12.67 17.71 7.23
C GLU B 143 11.28 17.67 7.85
N LYS B 144 10.62 16.52 7.73
CA LYS B 144 9.30 16.30 8.32
C LYS B 144 9.39 16.39 9.84
N LEU B 145 10.33 15.64 10.43
CA LEU B 145 10.55 15.66 11.87
C LEU B 145 10.94 17.05 12.36
N PHE B 146 11.79 17.72 11.58
CA PHE B 146 12.25 19.07 11.90
C PHE B 146 11.10 20.07 11.97
N CYS B 147 10.21 20.03 10.97
CA CYS B 147 9.05 20.91 10.93
C CYS B 147 8.05 20.61 12.05
N GLN B 148 7.88 19.33 12.35
CA GLN B 148 7.00 18.89 13.44
C GLN B 148 7.53 19.37 14.78
N ASP B 149 8.87 19.47 14.89
CA ASP B 149 9.53 19.97 16.10
C ASP B 149 9.42 21.49 16.20
N VAL B 150 9.59 22.18 15.08
CA VAL B 150 9.46 23.64 15.03
C VAL B 150 8.04 24.04 15.41
N ASP B 151 7.06 23.28 14.90
CA ASP B 151 5.65 23.49 15.24
C ASP B 151 5.36 23.19 16.71
N ALA B 152 6.09 22.24 17.27
CA ALA B 152 5.96 21.89 18.69
C ALA B 152 6.60 22.97 19.56
N ALA B 153 7.69 23.56 19.05
CA ALA B 153 8.38 24.65 19.74
C ALA B 153 7.57 25.94 19.70
N VAL B 154 7.03 26.26 18.52
CA VAL B 154 6.20 27.46 18.33
C VAL B 154 4.95 27.39 19.20
N ARG B 155 4.23 26.27 19.15
CA ARG B 155 3.05 26.06 19.99
C ARG B 155 3.42 26.02 21.47
N GLY B 156 4.63 25.58 21.77
CA GLY B 156 5.15 25.59 23.14
C GLY B 156 5.36 27.02 23.60
N ILE B 157 5.88 27.86 22.71
CA ILE B 157 6.09 29.28 22.97
C ILE B 157 4.75 30.02 23.08
N LEU B 158 3.84 29.73 22.16
CA LEU B 158 2.53 30.38 22.11
C LEU B 158 1.60 29.98 23.26
N ARG B 159 1.90 28.87 23.92
CA ARG B 159 1.14 28.41 25.08
C ARG B 159 1.80 28.81 26.40
N ASN B 160 2.80 29.68 26.33
CA ASN B 160 3.52 30.15 27.50
C ASN B 160 3.42 31.67 27.66
N ALA B 161 2.90 32.10 28.80
CA ALA B 161 2.67 33.52 29.10
C ALA B 161 3.95 34.36 29.27
N LYS B 162 5.08 33.69 29.46
CA LYS B 162 6.36 34.37 29.60
C LYS B 162 7.07 34.45 28.24
N LEU B 163 6.72 33.54 27.33
CA LEU B 163 7.37 33.45 26.02
C LEU B 163 6.57 34.06 24.86
N LYS B 164 5.24 33.97 24.91
CA LYS B 164 4.37 34.47 23.86
C LYS B 164 4.47 35.99 23.61
N PRO B 165 4.41 36.82 24.67
CA PRO B 165 4.52 38.26 24.46
C PRO B 165 5.91 38.70 23.99
N VAL B 166 6.92 37.87 24.26
CA VAL B 166 8.29 38.14 23.83
C VAL B 166 8.42 37.78 22.35
N TYR B 167 7.92 36.60 21.98
CA TYR B 167 7.95 36.11 20.60
C TYR B 167 7.14 37.01 19.65
N ASP B 168 6.04 37.57 20.15
CA ASP B 168 5.18 38.46 19.37
C ASP B 168 5.86 39.78 19.00
N SER B 169 6.65 40.31 19.94
CA SER B 169 7.34 41.59 19.71
C SER B 169 8.58 41.45 18.84
N LEU B 170 9.18 40.26 18.84
CA LEU B 170 10.41 40.02 18.07
C LEU B 170 10.23 40.03 16.56
N ASP B 171 11.26 40.49 15.86
CA ASP B 171 11.29 40.47 14.40
C ASP B 171 11.58 39.05 13.91
N CYS B 172 11.29 38.80 12.64
CA CYS B 172 11.40 37.47 12.03
C CYS B 172 12.71 36.72 12.30
N VAL B 173 13.83 37.42 12.21
CA VAL B 173 15.16 36.84 12.44
C VAL B 173 15.36 36.45 13.92
N ARG B 174 15.06 37.37 14.82
CA ARG B 174 15.19 37.12 16.26
C ARG B 174 14.24 36.04 16.79
N ARG B 175 13.14 35.84 16.09
CA ARG B 175 12.18 34.78 16.44
C ARG B 175 12.82 33.42 16.26
N ALA B 176 13.65 33.28 15.23
CA ALA B 176 14.37 32.04 14.95
C ALA B 176 15.37 31.74 16.07
N ALA B 177 16.03 32.79 16.58
CA ALA B 177 16.97 32.66 17.69
C ALA B 177 16.29 32.19 18.97
N LEU B 178 15.04 32.62 19.17
CA LEU B 178 14.26 32.20 20.32
C LEU B 178 13.81 30.75 20.18
N ILE B 179 13.37 30.38 18.97
CA ILE B 179 12.96 29.01 18.67
C ILE B 179 14.17 28.08 18.79
N ASN B 180 15.34 28.58 18.41
CA ASN B 180 16.58 27.82 18.51
C ASN B 180 16.83 27.37 19.94
N MET B 181 16.68 28.29 20.89
CA MET B 181 16.84 27.98 22.31
C MET B 181 15.80 26.98 22.80
N VAL B 182 14.54 27.19 22.39
CA VAL B 182 13.43 26.32 22.76
C VAL B 182 13.62 24.92 22.16
N PHE B 183 14.24 24.87 20.98
CA PHE B 183 14.56 23.63 20.30
C PHE B 183 15.62 22.87 21.10
N GLN B 184 16.57 23.61 21.66
CA GLN B 184 17.69 23.05 22.40
C GLN B 184 17.36 22.62 23.84
N MET B 185 16.68 23.47 24.60
CA MET B 185 16.44 23.18 26.02
C MET B 185 14.96 23.10 26.48
N GLY B 186 14.03 23.21 25.53
CA GLY B 186 12.61 23.10 25.84
C GLY B 186 11.96 24.40 26.30
N GLU B 187 10.62 24.38 26.36
CA GLU B 187 9.81 25.53 26.78
C GLU B 187 10.12 26.02 28.19
N THR B 188 10.06 25.09 29.16
CA THR B 188 10.29 25.40 30.58
C THR B 188 11.70 25.93 30.84
N GLY B 189 12.67 25.42 30.08
CA GLY B 189 14.06 25.86 30.21
C GLY B 189 14.29 27.30 29.81
N VAL B 190 13.73 27.69 28.66
CA VAL B 190 13.87 29.05 28.14
C VAL B 190 13.05 30.04 28.98
N ALA B 191 11.93 29.57 29.52
CA ALA B 191 11.06 30.39 30.38
C ALA B 191 11.78 30.80 31.67
N GLY B 192 12.84 30.07 32.01
CA GLY B 192 13.64 30.36 33.20
C GLY B 192 14.50 31.61 33.09
N PHE B 193 14.68 32.10 31.86
CA PHE B 193 15.45 33.31 31.59
C PHE B 193 14.55 34.54 31.74
N THR B 194 13.90 34.67 32.90
CA THR B 194 12.94 35.73 33.17
C THR B 194 13.43 37.15 32.83
N ASN B 195 14.55 37.55 33.42
CA ASN B 195 15.09 38.89 33.23
C ASN B 195 15.56 39.18 31.80
N SER B 196 16.19 38.20 31.18
CA SER B 196 16.69 38.33 29.81
C SER B 196 15.57 38.47 28.78
N LEU B 197 14.47 37.74 29.00
CA LEU B 197 13.30 37.78 28.12
C LEU B 197 12.61 39.15 28.16
N ARG B 198 12.69 39.81 29.31
CA ARG B 198 12.13 41.14 29.51
C ARG B 198 12.96 42.18 28.75
N MET B 199 14.27 41.92 28.63
CA MET B 199 15.19 42.80 27.92
C MET B 199 14.98 42.75 26.42
N LEU B 200 14.73 41.56 25.88
CA LEU B 200 14.48 41.37 24.45
C LEU B 200 13.18 42.00 24.01
N GLN B 201 12.17 41.97 24.88
CA GLN B 201 10.86 42.55 24.61
C GLN B 201 10.96 44.07 24.55
N GLN B 202 11.85 44.64 25.35
CA GLN B 202 12.08 46.08 25.42
C GLN B 202 13.20 46.53 24.47
N LYS B 203 13.58 45.65 23.55
CA LYS B 203 14.58 45.91 22.50
C LYS B 203 15.99 46.30 22.99
N ARG B 204 16.31 45.96 24.23
CA ARG B 204 17.65 46.21 24.78
C ARG B 204 18.58 45.09 24.32
N TRP B 205 19.01 45.16 23.06
CA TRP B 205 19.81 44.11 22.44
C TRP B 205 21.16 43.86 23.09
N ASP B 206 21.92 44.93 23.33
CA ASP B 206 23.24 44.83 23.95
C ASP B 206 23.17 44.30 25.37
N GLU B 207 22.19 44.78 26.14
CA GLU B 207 22.00 44.35 27.53
C GLU B 207 21.59 42.89 27.64
N ALA B 208 20.69 42.46 26.74
CA ALA B 208 20.23 41.08 26.71
C ALA B 208 21.34 40.11 26.32
N ALA B 209 22.21 40.57 25.41
CA ALA B 209 23.36 39.79 24.94
C ALA B 209 24.36 39.50 26.05
N VAL B 210 24.70 40.54 26.82
CA VAL B 210 25.63 40.42 27.94
C VAL B 210 25.05 39.55 29.05
N ASN B 211 23.76 39.71 29.30
CA ASN B 211 23.05 38.96 30.35
C ASN B 211 22.96 37.46 30.04
N LEU B 212 22.68 37.13 28.78
CA LEU B 212 22.58 35.74 28.34
C LEU B 212 23.92 35.01 28.31
N ALA B 213 25.01 35.75 28.09
CA ALA B 213 26.35 35.18 27.99
C ALA B 213 26.92 34.74 29.34
N LYS B 214 26.30 35.18 30.42
CA LYS B 214 26.72 34.82 31.78
C LYS B 214 26.05 33.53 32.27
N SER B 215 25.23 32.93 31.41
CA SER B 215 24.42 31.77 31.78
C SER B 215 25.10 30.41 31.70
N ARG B 216 24.50 29.45 32.41
CA ARG B 216 24.91 28.04 32.41
C ARG B 216 24.84 27.49 30.99
N TRP B 217 23.82 27.92 30.24
CA TRP B 217 23.63 27.55 28.84
C TRP B 217 24.82 27.95 27.99
N TYR B 218 25.37 29.15 28.23
CA TYR B 218 26.54 29.63 27.50
C TYR B 218 27.78 28.82 27.84
N ASN B 219 27.96 28.48 29.11
CA ASN B 219 29.10 27.68 29.56
C ASN B 219 29.12 26.26 28.99
N GLN B 220 27.94 25.64 28.89
CA GLN B 220 27.81 24.28 28.39
C GLN B 220 28.09 24.15 26.89
N THR B 221 27.51 25.05 26.10
CA THR B 221 27.73 25.08 24.65
C THR B 221 28.10 26.48 24.16
N PRO B 222 29.34 26.93 24.43
CA PRO B 222 29.80 28.28 24.10
C PRO B 222 29.61 28.68 22.63
N ASN B 223 30.15 27.88 21.71
CA ASN B 223 30.10 28.16 20.27
C ASN B 223 28.69 28.42 19.72
N ARG B 224 27.76 27.55 20.09
CA ARG B 224 26.37 27.68 19.65
C ARG B 224 25.68 28.87 20.33
N ALA B 225 25.88 29.01 21.63
CA ALA B 225 25.28 30.11 22.39
C ALA B 225 25.73 31.47 21.85
N LYS B 226 27.01 31.60 21.52
CA LYS B 226 27.57 32.82 20.93
C LYS B 226 26.80 33.21 19.67
N ARG B 227 26.58 32.24 18.79
CA ARG B 227 25.88 32.46 17.53
C ARG B 227 24.43 32.90 17.74
N VAL B 228 23.73 32.22 18.66
CA VAL B 228 22.35 32.56 18.98
C VAL B 228 22.27 33.97 19.58
N ILE B 229 23.20 34.29 20.48
CA ILE B 229 23.27 35.60 21.12
C ILE B 229 23.56 36.71 20.10
N THR B 230 24.52 36.47 19.20
CA THR B 230 24.86 37.41 18.14
C THR B 230 23.64 37.70 17.27
N THR B 231 22.83 36.68 17.02
CA THR B 231 21.58 36.81 16.26
C THR B 231 20.60 37.74 17.01
N PHE B 232 20.51 37.56 18.33
CA PHE B 232 19.66 38.41 19.17
C PHE B 232 20.16 39.85 19.23
N ARG B 233 21.48 40.02 19.19
CA ARG B 233 22.12 41.33 19.31
C ARG B 233 22.04 42.15 18.03
N THR B 234 22.34 41.54 16.89
CA THR B 234 22.40 42.25 15.61
C THR B 234 21.10 42.17 14.80
N GLY B 235 20.40 41.05 14.88
CA GLY B 235 19.18 40.83 14.09
C GLY B 235 19.51 40.43 12.67
N THR B 236 20.66 39.77 12.49
CA THR B 236 21.14 39.31 11.19
C THR B 236 21.68 37.87 11.26
N TRP B 237 22.21 37.38 10.15
CA TRP B 237 22.79 36.05 10.07
C TRP B 237 24.32 36.10 9.95
N ASP B 238 24.92 37.10 10.59
CA ASP B 238 26.37 37.30 10.55
C ASP B 238 27.18 36.15 11.15
N ALA B 239 26.66 35.57 12.24
CA ALA B 239 27.33 34.47 12.93
C ALA B 239 27.24 33.13 12.19
N TYR B 240 26.27 33.02 11.28
CA TYR B 240 26.04 31.78 10.54
C TYR B 240 26.53 31.81 9.08
N LYS B 241 27.15 32.92 8.68
CA LYS B 241 27.71 33.04 7.34
C LYS B 241 29.20 32.68 7.33
N SER C 1 -28.54 41.94 -3.33
CA SER C 1 -28.37 40.49 -2.99
C SER C 1 -28.46 39.62 -4.24
N ILE C 2 -27.47 38.74 -4.41
CA ILE C 2 -27.41 37.84 -5.57
C ILE C 2 -27.74 36.40 -5.19
N ARG C 3 -28.79 35.86 -5.81
CA ARG C 3 -29.26 34.51 -5.53
C ARG C 3 -28.82 33.49 -6.58
N LEU C 4 -27.89 32.63 -6.18
CA LEU C 4 -27.32 31.60 -7.04
C LEU C 4 -27.98 30.24 -6.80
N PRO C 5 -27.70 29.24 -7.67
CA PRO C 5 -28.32 27.92 -7.49
C PRO C 5 -27.97 27.29 -6.13
N ALA C 6 -28.88 26.46 -5.63
CA ALA C 6 -28.74 25.81 -4.33
C ALA C 6 -27.41 25.10 -4.11
N HIS C 7 -26.99 24.33 -5.10
CA HIS C 7 -25.73 23.57 -5.01
C HIS C 7 -24.48 24.43 -4.91
N LEU C 8 -24.63 25.74 -5.12
CA LEU C 8 -23.50 26.68 -5.06
C LEU C 8 -23.58 27.68 -3.90
N ARG C 9 -24.59 27.54 -3.04
CA ARG C 9 -24.73 28.44 -1.89
C ARG C 9 -23.70 28.11 -0.80
N LEU C 10 -22.87 27.13 -1.11
CA LEU C 10 -21.79 26.67 -0.26
C LEU C 10 -20.62 27.64 -0.45
N GLN C 11 -19.80 27.81 0.58
CA GLN C 11 -18.63 28.69 0.47
C GLN C 11 -17.71 28.25 -0.67
N PRO C 12 -17.29 29.21 -1.51
CA PRO C 12 -16.46 28.94 -2.69
C PRO C 12 -15.25 28.04 -2.45
N ILE C 13 -14.74 28.00 -1.22
CA ILE C 13 -13.60 27.17 -0.89
C ILE C 13 -13.93 25.67 -0.99
N TYR C 14 -15.21 25.33 -0.87
CA TYR C 14 -15.66 23.94 -0.95
C TYR C 14 -16.15 23.56 -2.35
N TRP C 15 -16.11 24.48 -3.30
CA TRP C 15 -16.54 24.19 -4.67
C TRP C 15 -15.59 23.24 -5.38
N SER C 16 -16.16 22.23 -6.03
CA SER C 16 -15.42 21.29 -6.86
C SER C 16 -15.11 21.92 -8.21
N ARG C 17 -14.29 21.24 -9.01
CA ARG C 17 -13.98 21.63 -10.38
C ARG C 17 -15.28 21.83 -11.17
N ASP C 18 -16.24 20.93 -10.97
CA ASP C 18 -17.53 20.97 -11.64
C ASP C 18 -18.41 22.12 -11.16
N ASP C 19 -18.30 22.45 -9.87
CA ASP C 19 -19.05 23.57 -9.31
C ASP C 19 -18.70 24.91 -9.94
N VAL C 20 -17.41 25.17 -10.18
CA VAL C 20 -17.01 26.44 -10.80
C VAL C 20 -17.48 26.48 -12.25
N ALA C 21 -17.52 25.32 -12.91
CA ALA C 21 -18.03 25.21 -14.28
C ALA C 21 -19.52 25.58 -14.34
N GLN C 22 -20.28 25.13 -13.34
CA GLN C 22 -21.70 25.48 -13.21
C GLN C 22 -21.89 26.95 -12.86
N TRP C 23 -20.98 27.49 -12.06
CA TRP C 23 -20.98 28.89 -11.67
C TRP C 23 -20.77 29.77 -12.91
N LEU C 24 -19.79 29.40 -13.74
CA LEU C 24 -19.54 30.07 -15.01
C LEU C 24 -20.78 30.07 -15.89
N LYS C 25 -21.42 28.91 -16.02
CA LYS C 25 -22.61 28.77 -16.85
C LYS C 25 -23.77 29.61 -16.32
N TRP C 26 -23.92 29.69 -15.01
N TRP C 26 -23.92 29.66 -15.01
CA TRP C 26 -25.02 30.46 -14.42
CA TRP C 26 -24.97 30.45 -14.36
C TRP C 26 -24.75 31.96 -14.52
C TRP C 26 -24.73 31.94 -14.57
N ALA C 27 -23.49 32.37 -14.31
CA ALA C 27 -23.10 33.78 -14.42
C ALA C 27 -23.28 34.31 -15.84
N GLU C 28 -22.97 33.48 -16.83
CA GLU C 28 -23.14 33.82 -18.24
C GLU C 28 -24.61 34.20 -18.53
N ASN C 29 -25.54 33.37 -18.08
CA ASN C 29 -26.96 33.62 -18.29
C ASN C 29 -27.53 34.75 -17.43
N GLU C 30 -27.13 34.79 -16.16
CA GLU C 30 -27.63 35.79 -15.22
C GLU C 30 -27.21 37.21 -15.58
N PHE C 31 -26.00 37.34 -16.17
CA PHE C 31 -25.43 38.64 -16.47
C PHE C 31 -25.29 38.99 -17.95
N SER C 32 -25.86 38.14 -18.81
CA SER C 32 -25.86 38.34 -20.27
C SER C 32 -24.45 38.56 -20.83
N LEU C 33 -23.53 37.70 -20.43
CA LEU C 33 -22.13 37.81 -20.85
C LEU C 33 -21.89 37.04 -22.16
N ARG C 34 -20.74 37.31 -22.79
CA ARG C 34 -20.29 36.55 -23.95
C ARG C 34 -20.07 35.11 -23.51
N PRO C 35 -20.28 34.13 -24.42
CA PRO C 35 -20.14 32.74 -24.04
C PRO C 35 -18.77 32.42 -23.41
N ILE C 36 -18.81 31.78 -22.25
CA ILE C 36 -17.59 31.37 -21.56
C ILE C 36 -17.35 29.90 -21.84
N ASP C 37 -16.16 29.59 -22.35
CA ASP C 37 -15.76 28.20 -22.60
C ASP C 37 -15.71 27.45 -21.27
N SER C 38 -16.15 26.20 -21.27
CA SER C 38 -16.17 25.36 -20.06
C SER C 38 -14.79 25.10 -19.48
N ASN C 39 -13.76 25.17 -20.31
CA ASN C 39 -12.37 24.89 -19.91
C ASN C 39 -11.55 26.14 -19.56
N THR C 40 -12.24 27.25 -19.31
CA THR C 40 -11.59 28.52 -18.97
C THR C 40 -11.00 28.49 -17.56
N PHE C 41 -11.69 27.82 -16.64
CA PHE C 41 -11.24 27.68 -15.26
C PHE C 41 -11.22 26.21 -14.83
N GLU C 42 -10.23 25.46 -15.33
CA GLU C 42 -10.08 24.02 -15.03
C GLU C 42 -9.44 23.83 -13.65
N MET C 43 -10.23 24.07 -12.60
CA MET C 43 -9.73 24.07 -11.22
C MET C 43 -10.90 24.09 -10.24
N ASN C 44 -10.64 23.71 -8.99
CA ASN C 44 -11.66 23.76 -7.95
C ASN C 44 -11.69 25.14 -7.32
N GLY C 45 -12.61 25.34 -6.37
CA GLY C 45 -12.78 26.63 -5.69
C GLY C 45 -11.56 27.12 -4.93
N LYS C 46 -10.83 26.20 -4.30
CA LYS C 46 -9.61 26.54 -3.58
C LYS C 46 -8.60 27.22 -4.51
N ALA C 47 -8.54 26.75 -5.75
CA ALA C 47 -7.65 27.32 -6.76
C ALA C 47 -8.23 28.62 -7.31
N LEU C 48 -9.56 28.68 -7.39
CA LEU C 48 -10.26 29.86 -7.90
C LEU C 48 -9.97 31.07 -7.00
N LEU C 49 -9.86 30.82 -5.70
CA LEU C 49 -9.59 31.88 -4.72
C LEU C 49 -8.15 32.36 -4.74
N LEU C 50 -7.32 31.76 -5.59
CA LEU C 50 -5.90 32.06 -5.61
C LEU C 50 -5.21 33.22 -6.33
N LEU C 51 -5.43 33.82 -7.51
CA LEU C 51 -6.26 34.00 -8.69
C LEU C 51 -6.62 35.48 -8.50
N THR C 52 -5.74 36.32 -9.06
CA THR C 52 -5.87 37.77 -8.99
C THR C 52 -6.90 38.22 -10.03
N LYS C 53 -7.27 39.51 -9.98
CA LYS C 53 -8.20 40.05 -10.97
C LYS C 53 -7.58 39.99 -12.37
N GLU C 54 -6.26 40.24 -12.45
CA GLU C 54 -5.50 40.15 -13.70
C GLU C 54 -5.63 38.75 -14.33
N ASP C 55 -5.57 37.71 -13.49
CA ASP C 55 -5.71 36.34 -13.95
C ASP C 55 -7.08 36.07 -14.56
N PHE C 56 -8.11 36.60 -13.91
CA PHE C 56 -9.49 36.52 -14.42
C PHE C 56 -9.60 37.21 -15.78
N ARG C 57 -9.02 38.40 -15.90
CA ARG C 57 -9.02 39.15 -17.15
C ARG C 57 -8.31 38.40 -18.27
N TYR C 58 -7.19 37.76 -17.93
CA TYR C 58 -6.39 37.01 -18.90
C TYR C 58 -7.15 35.78 -19.40
N ARG C 59 -7.78 35.07 -18.46
CA ARG C 59 -8.54 33.86 -18.78
C ARG C 59 -9.88 34.19 -19.45
N SER C 60 -10.46 35.34 -19.09
CA SER C 60 -11.71 35.81 -19.69
C SER C 60 -11.63 37.29 -20.06
N PRO C 61 -11.11 37.62 -21.27
CA PRO C 61 -10.99 39.01 -21.71
C PRO C 61 -12.30 39.81 -21.74
N HIS C 62 -13.42 39.13 -21.98
CA HIS C 62 -14.71 39.80 -22.08
C HIS C 62 -15.45 39.96 -20.75
N SER C 63 -15.27 39.00 -19.83
CA SER C 63 -16.04 38.97 -18.59
C SER C 63 -15.25 38.75 -17.30
N GLY C 64 -13.93 38.62 -17.41
CA GLY C 64 -13.06 38.34 -16.27
C GLY C 64 -13.24 39.22 -15.04
N ASP C 65 -13.20 40.53 -15.24
CA ASP C 65 -13.36 41.50 -14.14
C ASP C 65 -14.71 41.35 -13.44
N GLU C 66 -15.77 41.14 -14.24
CA GLU C 66 -17.12 40.93 -13.74
C GLU C 66 -17.19 39.67 -12.88
N LEU C 67 -16.62 38.59 -13.40
CA LEU C 67 -16.55 37.30 -12.71
C LEU C 67 -15.82 37.40 -11.37
N TYR C 68 -14.69 38.11 -11.37
CA TYR C 68 -13.91 38.32 -10.16
C TYR C 68 -14.72 39.07 -9.09
N GLU C 69 -15.38 40.15 -9.51
CA GLU C 69 -16.18 40.96 -8.59
C GLU C 69 -17.40 40.21 -8.07
N LEU C 70 -17.94 39.34 -8.92
CA LEU C 70 -19.07 38.50 -8.57
C LEU C 70 -18.64 37.61 -7.41
N LEU C 71 -17.45 37.03 -7.55
CA LEU C 71 -16.87 36.17 -6.52
C LEU C 71 -16.65 36.92 -5.21
N GLN C 72 -16.18 38.16 -5.28
CA GLN C 72 -15.96 38.97 -4.09
C GLN C 72 -17.27 39.26 -3.35
N HIS C 73 -18.34 39.44 -4.11
CA HIS C 73 -19.68 39.67 -3.54
C HIS C 73 -20.23 38.39 -2.90
N ILE C 74 -19.97 37.25 -3.52
CA ILE C 74 -20.39 35.96 -2.98
C ILE C 74 -19.66 35.71 -1.65
N LEU C 75 -18.35 35.97 -1.63
CA LEU C 75 -17.56 35.85 -0.41
C LEU C 75 -17.99 36.86 0.67
N LYS C 76 -18.39 38.06 0.22
CA LYS C 76 -18.79 39.14 1.12
C LYS C 76 -20.08 38.79 1.87
N GLN C 77 -21.02 38.16 1.18
CA GLN C 77 -22.30 37.75 1.75
C GLN C 77 -22.13 36.66 2.80
N SER D 1 -13.41 -33.12 2.12
CA SER D 1 -12.75 -32.17 1.18
C SER D 1 -11.71 -32.89 0.32
N ILE D 2 -11.47 -32.35 -0.88
CA ILE D 2 -10.52 -32.93 -1.84
C ILE D 2 -9.05 -32.61 -1.55
N ARG D 3 -8.26 -33.65 -1.31
CA ARG D 3 -6.83 -33.52 -1.07
C ARG D 3 -6.07 -34.17 -2.22
N LEU D 4 -5.69 -33.36 -3.20
CA LEU D 4 -4.97 -33.83 -4.38
C LEU D 4 -3.45 -33.75 -4.22
N PRO D 5 -2.69 -34.50 -5.04
CA PRO D 5 -1.22 -34.44 -4.98
C PRO D 5 -0.73 -33.00 -5.04
N ALA D 6 0.28 -32.69 -4.22
CA ALA D 6 0.81 -31.34 -4.08
C ALA D 6 1.07 -30.61 -5.40
N HIS D 7 1.70 -31.27 -6.37
CA HIS D 7 2.05 -30.63 -7.64
C HIS D 7 0.83 -30.26 -8.49
N LEU D 8 -0.31 -30.89 -8.22
CA LEU D 8 -1.55 -30.57 -8.92
C LEU D 8 -2.38 -29.52 -8.19
N ARG D 9 -1.86 -29.00 -7.07
CA ARG D 9 -2.54 -27.94 -6.33
C ARG D 9 -2.45 -26.59 -7.07
N LEU D 10 -1.53 -26.52 -8.03
CA LEU D 10 -1.44 -25.38 -8.94
C LEU D 10 -2.71 -25.31 -9.77
N GLN D 11 -3.19 -24.09 -10.02
CA GLN D 11 -4.40 -23.93 -10.83
C GLN D 11 -4.25 -24.65 -12.16
N PRO D 12 -5.32 -25.33 -12.61
CA PRO D 12 -5.33 -26.14 -13.83
C PRO D 12 -4.69 -25.48 -15.05
N ILE D 13 -4.75 -24.16 -15.13
CA ILE D 13 -4.18 -23.42 -16.28
C ILE D 13 -2.68 -23.70 -16.47
N TYR D 14 -2.00 -24.09 -15.40
CA TYR D 14 -0.57 -24.44 -15.46
C TYR D 14 -0.31 -25.91 -15.75
N TRP D 15 -1.36 -26.72 -15.75
CA TRP D 15 -1.23 -28.16 -15.98
C TRP D 15 -0.77 -28.48 -17.39
N SER D 16 0.22 -29.36 -17.47
CA SER D 16 0.72 -29.89 -18.73
C SER D 16 -0.14 -31.08 -19.12
N ARG D 17 0.09 -31.62 -20.31
CA ARG D 17 -0.64 -32.82 -20.77
C ARG D 17 -0.41 -34.02 -19.85
N ASP D 18 0.81 -34.17 -19.34
CA ASP D 18 1.12 -35.25 -18.39
C ASP D 18 0.41 -35.04 -17.05
N ASP D 19 0.24 -33.77 -16.67
CA ASP D 19 -0.47 -33.40 -15.45
C ASP D 19 -1.94 -33.84 -15.45
N VAL D 20 -2.64 -33.66 -16.56
CA VAL D 20 -4.05 -34.05 -16.63
C VAL D 20 -4.17 -35.58 -16.59
N ALA D 21 -3.20 -36.25 -17.21
CA ALA D 21 -3.13 -37.71 -17.20
C ALA D 21 -2.94 -38.24 -15.78
N GLN D 22 -2.15 -37.52 -14.99
CA GLN D 22 -1.91 -37.85 -13.58
C GLN D 22 -3.13 -37.56 -12.71
N TRP D 23 -3.84 -36.48 -13.05
CA TRP D 23 -5.08 -36.10 -12.38
C TRP D 23 -6.13 -37.19 -12.59
N LEU D 24 -6.22 -37.67 -13.83
CA LEU D 24 -7.09 -38.79 -14.20
C LEU D 24 -6.81 -40.06 -13.41
N LYS D 25 -5.53 -40.42 -13.30
CA LYS D 25 -5.11 -41.61 -12.58
C LYS D 25 -5.44 -41.49 -11.09
N TRP D 26 -5.26 -40.29 -10.55
CA TRP D 26 -5.59 -40.01 -9.15
C TRP D 26 -7.10 -40.05 -8.91
N ALA D 27 -7.86 -39.42 -9.80
CA ALA D 27 -9.32 -39.33 -9.68
C ALA D 27 -9.97 -40.71 -9.72
N GLU D 28 -9.48 -41.57 -10.59
CA GLU D 28 -9.98 -42.94 -10.73
C GLU D 28 -9.91 -43.71 -9.41
N ASN D 29 -8.80 -43.55 -8.69
CA ASN D 29 -8.60 -44.24 -7.42
C ASN D 29 -9.34 -43.59 -6.26
N GLU D 30 -9.29 -42.26 -6.21
CA GLU D 30 -9.93 -41.49 -5.15
C GLU D 30 -11.45 -41.68 -5.15
N PHE D 31 -12.03 -41.80 -6.34
CA PHE D 31 -13.49 -41.88 -6.49
C PHE D 31 -14.03 -43.24 -6.94
N SER D 32 -13.17 -44.27 -6.90
CA SER D 32 -13.53 -45.64 -7.26
C SER D 32 -14.25 -45.73 -8.60
N LEU D 33 -13.70 -45.06 -9.60
CA LEU D 33 -14.28 -45.00 -10.93
C LEU D 33 -13.89 -46.18 -11.81
N ARG D 34 -14.68 -46.39 -12.86
CA ARG D 34 -14.38 -47.38 -13.89
C ARG D 34 -13.07 -46.92 -14.52
N PRO D 35 -12.20 -47.87 -14.93
CA PRO D 35 -10.89 -47.47 -15.47
C PRO D 35 -10.96 -46.35 -16.51
N ILE D 36 -10.07 -45.37 -16.38
CA ILE D 36 -10.00 -44.25 -17.30
C ILE D 36 -8.80 -44.41 -18.22
N ASP D 37 -9.07 -44.54 -19.53
CA ASP D 37 -8.01 -44.60 -20.52
C ASP D 37 -7.15 -43.35 -20.44
N SER D 38 -5.83 -43.53 -20.51
CA SER D 38 -4.88 -42.41 -20.42
C SER D 38 -4.97 -41.44 -21.58
N ASN D 39 -5.60 -41.87 -22.69
CA ASN D 39 -5.76 -41.05 -23.89
C ASN D 39 -7.09 -40.29 -23.97
N THR D 40 -7.84 -40.30 -22.87
CA THR D 40 -9.16 -39.65 -22.81
C THR D 40 -9.10 -38.13 -23.04
N PHE D 41 -8.10 -37.49 -22.44
CA PHE D 41 -7.90 -36.06 -22.59
C PHE D 41 -6.46 -35.73 -23.02
N GLU D 42 -6.17 -35.98 -24.30
CA GLU D 42 -4.84 -35.70 -24.86
C GLU D 42 -4.66 -34.20 -25.11
N MET D 43 -4.45 -33.47 -24.01
CA MET D 43 -4.33 -32.01 -24.04
C MET D 43 -3.85 -31.50 -22.69
N ASN D 44 -3.41 -30.25 -22.66
CA ASN D 44 -2.98 -29.61 -21.41
C ASN D 44 -4.15 -28.98 -20.65
N GLY D 45 -3.84 -28.30 -19.54
CA GLY D 45 -4.83 -27.66 -18.68
C GLY D 45 -5.64 -26.55 -19.32
N LYS D 46 -4.97 -25.68 -20.08
CA LYS D 46 -5.65 -24.58 -20.79
C LYS D 46 -6.76 -25.11 -21.68
N ALA D 47 -6.49 -26.24 -22.35
CA ALA D 47 -7.45 -26.88 -23.25
C ALA D 47 -8.57 -27.57 -22.47
N LEU D 48 -8.22 -28.15 -21.34
CA LEU D 48 -9.15 -28.87 -20.48
C LEU D 48 -10.23 -27.92 -19.96
N LEU D 49 -9.83 -26.67 -19.70
CA LEU D 49 -10.73 -25.62 -19.20
C LEU D 49 -11.69 -25.08 -20.25
N LEU D 50 -11.44 -25.40 -21.52
CA LEU D 50 -12.31 -24.94 -22.61
C LEU D 50 -13.46 -25.91 -22.90
N LEU D 51 -13.30 -27.16 -22.47
CA LEU D 51 -14.31 -28.19 -22.70
C LEU D 51 -15.57 -27.97 -21.88
N THR D 52 -16.68 -28.43 -22.43
CA THR D 52 -17.98 -28.33 -21.78
C THR D 52 -18.22 -29.63 -21.00
N LYS D 53 -19.28 -29.65 -20.20
CA LYS D 53 -19.66 -30.85 -19.45
C LYS D 53 -20.09 -31.96 -20.42
N GLU D 54 -20.73 -31.56 -21.52
CA GLU D 54 -21.13 -32.50 -22.57
C GLU D 54 -19.89 -33.17 -23.20
N ASP D 55 -18.80 -32.41 -23.34
CA ASP D 55 -17.54 -32.93 -23.87
C ASP D 55 -16.93 -33.98 -22.94
N PHE D 56 -16.96 -33.70 -21.64
CA PHE D 56 -16.51 -34.64 -20.61
C PHE D 56 -17.32 -35.95 -20.66
N ARG D 57 -18.65 -35.84 -20.75
CA ARG D 57 -19.52 -37.02 -20.84
C ARG D 57 -19.23 -37.84 -22.09
N TYR D 58 -18.99 -37.16 -23.21
CA TYR D 58 -18.72 -37.81 -24.48
C TYR D 58 -17.40 -38.57 -24.44
N ARG D 59 -16.39 -37.98 -23.80
CA ARG D 59 -15.07 -38.59 -23.69
C ARG D 59 -14.99 -39.64 -22.59
N SER D 60 -15.80 -39.47 -21.55
CA SER D 60 -15.88 -40.43 -20.46
C SER D 60 -17.34 -40.66 -20.08
N PRO D 61 -18.02 -41.60 -20.77
CA PRO D 61 -19.43 -41.89 -20.51
C PRO D 61 -19.70 -42.37 -19.08
N HIS D 62 -18.72 -43.00 -18.46
CA HIS D 62 -18.88 -43.52 -17.09
C HIS D 62 -18.54 -42.51 -15.98
N SER D 63 -17.59 -41.61 -16.25
CA SER D 63 -17.09 -40.71 -15.20
C SER D 63 -17.03 -39.21 -15.56
N GLY D 64 -17.33 -38.87 -16.81
CA GLY D 64 -17.25 -37.50 -17.30
C GLY D 64 -17.85 -36.40 -16.43
N ASP D 65 -19.07 -36.61 -15.95
CA ASP D 65 -19.73 -35.62 -15.10
C ASP D 65 -18.99 -35.43 -13.77
N VAL D 66 -18.49 -36.54 -13.22
CA VAL D 66 -17.72 -36.51 -11.98
C VAL D 66 -16.42 -35.73 -12.19
N LEU D 67 -15.70 -36.05 -13.27
CA LEU D 67 -14.46 -35.34 -13.61
C LEU D 67 -14.69 -33.84 -13.79
N TYR D 68 -15.78 -33.48 -14.46
CA TYR D 68 -16.10 -32.07 -14.70
C TYR D 68 -16.38 -31.33 -13.39
N GLU D 69 -17.20 -31.93 -12.54
CA GLU D 69 -17.53 -31.33 -11.25
C GLU D 69 -16.32 -31.28 -10.32
N LEU D 70 -15.47 -32.30 -10.40
CA LEU D 70 -14.22 -32.34 -9.66
C LEU D 70 -13.42 -31.11 -10.02
N LEU D 71 -13.31 -30.87 -11.34
CA LEU D 71 -12.58 -29.72 -11.86
C LEU D 71 -13.17 -28.39 -11.37
N GLN D 72 -14.49 -28.29 -11.34
CA GLN D 72 -15.17 -27.08 -10.87
C GLN D 72 -14.87 -26.80 -9.39
N HIS D 73 -14.84 -27.86 -8.58
CA HIS D 73 -14.52 -27.75 -7.16
C HIS D 73 -13.07 -27.32 -6.93
N ILE D 74 -12.17 -27.83 -7.78
CA ILE D 74 -10.75 -27.44 -7.74
C ILE D 74 -10.59 -25.95 -8.04
N LEU D 75 -11.34 -25.46 -9.02
CA LEU D 75 -11.32 -24.05 -9.40
C LEU D 75 -11.98 -23.17 -8.34
N LYS D 76 -13.02 -23.69 -7.70
CA LYS D 76 -13.79 -22.94 -6.71
C LYS D 76 -12.99 -22.68 -5.43
N GLN D 77 -12.29 -23.70 -4.93
CA GLN D 77 -11.48 -23.57 -3.71
C GLN D 77 -10.02 -23.89 -3.93
N ALA D 78 -9.36 -22.69 -5.58
CA ALA D 78 -8.14 -21.85 -5.67
C ALA D 78 -8.32 -20.75 -4.62
N GLY D 79 -7.31 -20.10 -4.03
CA GLY D 79 -5.89 -20.15 -4.27
C GLY D 79 -5.49 -18.90 -5.05
N PRO D 80 -4.80 -17.94 -4.41
CA PRO D 80 -4.23 -16.83 -5.20
C PRO D 80 -3.29 -17.37 -6.28
N ASN D 81 -3.31 -16.71 -7.44
CA ASN D 81 -2.52 -17.12 -8.59
C ASN D 81 -1.23 -16.32 -8.67
N ILE D 82 -0.23 -17.01 -8.15
CA ILE D 82 1.06 -16.59 -7.69
C ILE D 82 2.18 -17.51 -8.21
N PHE D 83 1.85 -18.56 -8.97
CA PHE D 83 2.90 -19.45 -9.49
C PHE D 83 3.85 -18.75 -10.46
N GLU D 84 3.29 -18.11 -11.50
CA GLU D 84 4.11 -17.42 -12.49
C GLU D 84 4.74 -16.16 -11.87
N MET D 85 4.03 -15.54 -10.94
CA MET D 85 4.53 -14.38 -10.21
C MET D 85 5.86 -14.71 -9.54
N LEU D 86 5.88 -15.80 -8.76
CA LEU D 86 7.09 -16.23 -8.07
C LEU D 86 8.09 -16.94 -8.97
N ARG D 87 7.61 -17.50 -10.07
CA ARG D 87 8.47 -18.11 -11.09
C ARG D 87 9.39 -17.01 -11.62
N ILE D 88 8.78 -15.87 -11.94
CA ILE D 88 9.50 -14.70 -12.46
C ILE D 88 10.41 -14.08 -11.39
N ASP D 89 9.89 -13.93 -10.17
CA ASP D 89 10.62 -13.31 -9.07
C ASP D 89 11.72 -14.17 -8.45
N GLU D 90 11.49 -15.48 -8.35
CA GLU D 90 12.45 -16.39 -7.72
C GLU D 90 13.23 -17.23 -8.73
N GLY D 91 12.60 -17.53 -9.87
CA GLY D 91 13.20 -18.40 -10.89
C GLY D 91 12.82 -19.85 -10.65
N LEU D 92 13.04 -20.68 -11.67
CA LEU D 92 12.82 -22.13 -11.55
C LEU D 92 14.13 -22.84 -11.85
N ARG D 93 14.64 -23.55 -10.85
CA ARG D 93 15.90 -24.27 -10.97
C ARG D 93 15.71 -25.73 -10.57
N LEU D 94 16.21 -26.64 -11.41
CA LEU D 94 16.08 -28.08 -11.15
C LEU D 94 17.24 -28.67 -10.35
N LYS D 95 18.37 -27.97 -10.32
CA LYS D 95 19.56 -28.39 -9.59
C LYS D 95 19.99 -27.33 -8.56
N ILE D 96 20.44 -27.80 -7.40
CA ILE D 96 20.98 -26.95 -6.33
C ILE D 96 21.87 -25.82 -6.85
N TYR D 97 21.63 -24.62 -6.34
CA TYR D 97 22.42 -23.45 -6.67
C TYR D 97 22.55 -22.57 -5.43
N LYS D 98 23.37 -21.52 -5.53
CA LYS D 98 23.56 -20.58 -4.44
C LYS D 98 22.84 -19.28 -4.76
N ASP D 99 22.10 -18.75 -3.77
CA ASP D 99 21.39 -17.49 -3.93
C ASP D 99 22.35 -16.29 -3.84
N THR D 100 21.80 -15.09 -3.72
CA THR D 100 22.60 -13.87 -3.60
C THR D 100 23.39 -13.85 -2.30
N GLU D 101 22.85 -14.49 -1.27
CA GLU D 101 23.49 -14.59 0.04
C GLU D 101 24.67 -15.55 0.00
N GLY D 102 24.35 -16.83 -0.23
CA GLY D 102 25.35 -17.90 -0.26
C GLY D 102 24.75 -19.21 0.23
N TYR D 103 23.45 -19.20 0.51
CA TYR D 103 22.75 -20.37 1.01
C TYR D 103 22.21 -21.22 -0.14
N TYR D 104 22.28 -22.54 0.03
CA TYR D 104 21.83 -23.49 -1.00
C TYR D 104 20.33 -23.49 -1.21
N THR D 105 19.93 -23.32 -2.48
CA THR D 105 18.53 -23.21 -2.88
C THR D 105 18.22 -24.09 -4.09
N ILE D 106 16.94 -24.44 -4.24
CA ILE D 106 16.46 -25.24 -5.37
C ILE D 106 15.00 -24.89 -5.67
N GLY D 107 14.52 -25.29 -6.84
CA GLY D 107 13.13 -25.06 -7.25
C GLY D 107 12.82 -23.58 -7.41
N ILE D 108 11.69 -23.16 -6.84
CA ILE D 108 11.29 -21.77 -6.86
C ILE D 108 11.63 -21.11 -5.52
N GLY D 109 12.88 -20.71 -5.37
CA GLY D 109 13.38 -20.03 -4.19
C GLY D 109 13.19 -20.75 -2.86
N HIS D 110 13.33 -22.07 -2.87
CA HIS D 110 13.20 -22.86 -1.66
C HIS D 110 14.53 -22.99 -0.94
N LEU D 111 14.62 -22.40 0.25
CA LEU D 111 15.82 -22.49 1.08
C LEU D 111 15.95 -23.90 1.65
N LEU D 112 17.13 -24.49 1.48
CA LEU D 112 17.40 -25.82 1.99
C LEU D 112 18.05 -25.75 3.38
N THR D 113 19.12 -24.99 3.49
CA THR D 113 19.85 -24.79 4.75
C THR D 113 20.86 -23.65 4.64
N LYS D 114 21.27 -23.11 5.78
CA LYS D 114 22.26 -22.04 5.82
C LYS D 114 23.69 -22.58 5.96
N SER D 115 23.83 -23.91 5.86
CA SER D 115 25.12 -24.59 5.93
C SER D 115 25.93 -24.36 4.64
N PRO D 116 27.25 -24.09 4.77
CA PRO D 116 28.11 -23.76 3.63
C PRO D 116 28.83 -24.86 2.83
N SER D 117 30.09 -24.55 2.48
CA SER D 117 31.00 -25.45 1.74
C SER D 117 30.39 -26.25 0.58
N LEU D 118 31.20 -27.13 -0.01
CA LEU D 118 30.75 -28.01 -1.09
C LEU D 118 31.02 -29.47 -0.75
N ASN D 119 31.02 -29.76 0.56
CA ASN D 119 31.31 -31.11 1.06
C ASN D 119 30.05 -31.87 1.46
N ALA D 120 29.00 -31.75 0.65
CA ALA D 120 27.69 -32.35 0.90
C ALA D 120 27.19 -32.06 2.32
N ALA D 121 26.57 -30.90 2.58
CA ALA D 121 26.24 -29.84 1.62
C ALA D 121 25.36 -30.31 0.44
N LYS D 122 24.08 -30.57 0.72
CA LYS D 122 23.51 -30.40 2.05
C LYS D 122 23.60 -31.62 2.99
N SER D 123 23.25 -32.83 2.55
CA SER D 123 22.76 -33.14 1.20
C SER D 123 21.24 -33.11 1.13
N GLU D 124 20.58 -33.22 2.28
CA GLU D 124 19.13 -33.13 2.40
C GLU D 124 18.67 -31.68 2.24
N LEU D 125 17.46 -31.44 1.75
CA LEU D 125 16.47 -32.45 1.39
C LEU D 125 16.19 -32.40 -0.12
N ASP D 126 16.11 -33.52 -0.83
CA ASP D 126 16.29 -34.92 -0.35
C ASP D 126 15.39 -35.33 0.83
N LYS D 127 14.09 -35.40 0.56
CA LYS D 127 13.06 -35.81 1.52
C LYS D 127 12.96 -34.89 2.73
N ALA D 128 12.09 -33.87 2.73
CA ALA D 128 11.15 -33.43 1.68
C ALA D 128 10.95 -34.18 0.35
N ILE D 129 11.82 -33.89 -0.63
CA ILE D 129 11.73 -34.38 -2.02
C ILE D 129 10.72 -35.46 -2.43
N GLY D 130 11.07 -36.76 -2.47
CA GLY D 130 12.39 -37.32 -2.13
C GLY D 130 12.17 -38.48 -1.18
N ARG D 131 12.80 -39.64 -1.34
CA ARG D 131 13.75 -40.11 -2.39
C ARG D 131 15.12 -39.47 -2.49
N ASN D 132 16.10 -40.25 -2.95
CA ASN D 132 17.47 -39.77 -3.12
C ASN D 132 17.65 -39.04 -4.46
N THR D 133 17.48 -37.72 -4.41
CA THR D 133 17.56 -36.86 -5.59
C THR D 133 18.98 -36.66 -6.10
N ASN D 134 19.94 -36.73 -5.17
CA ASN D 134 21.36 -36.51 -5.45
C ASN D 134 21.59 -35.11 -6.06
N GLY D 135 20.75 -34.16 -5.64
CA GLY D 135 20.85 -32.77 -6.09
C GLY D 135 19.91 -32.31 -7.19
N VAL D 136 19.22 -33.25 -7.84
CA VAL D 136 18.35 -32.92 -8.98
C VAL D 136 16.90 -33.35 -8.76
N ILE D 137 15.97 -32.42 -8.99
CA ILE D 137 14.54 -32.67 -8.83
C ILE D 137 13.77 -32.47 -10.15
N THR D 138 12.51 -32.92 -10.18
CA THR D 138 11.64 -32.75 -11.35
C THR D 138 10.88 -31.43 -11.27
N LYS D 139 10.04 -31.16 -12.28
CA LYS D 139 9.31 -29.89 -12.38
C LYS D 139 8.21 -29.81 -11.33
N ASP D 140 7.62 -30.98 -11.19
CA ASP D 140 6.60 -31.49 -10.29
C ASP D 140 7.05 -31.56 -8.84
N GLU D 141 8.31 -31.91 -8.62
CA GLU D 141 8.85 -31.94 -7.26
C GLU D 141 9.14 -30.51 -6.81
N ALA D 142 9.45 -29.66 -7.79
CA ALA D 142 9.64 -28.23 -7.56
C ALA D 142 8.29 -27.58 -7.26
N GLU D 143 7.25 -28.06 -7.94
CA GLU D 143 5.88 -27.61 -7.73
C GLU D 143 5.37 -28.06 -6.36
N LYS D 144 5.80 -29.25 -5.95
CA LYS D 144 5.46 -29.81 -4.64
C LYS D 144 6.04 -28.94 -3.54
N LEU D 145 7.34 -28.64 -3.63
CA LEU D 145 8.03 -27.79 -2.67
C LEU D 145 7.42 -26.39 -2.64
N PHE D 146 7.09 -25.87 -3.83
CA PHE D 146 6.49 -24.55 -3.97
C PHE D 146 5.15 -24.45 -3.25
N CYS D 147 4.29 -25.45 -3.44
CA CYS D 147 2.98 -25.49 -2.80
C CYS D 147 3.09 -25.67 -1.29
N GLN D 148 4.05 -26.48 -0.86
CA GLN D 148 4.32 -26.69 0.58
C GLN D 148 4.80 -25.40 1.23
N ASP D 149 5.51 -24.57 0.46
CA ASP D 149 5.99 -23.28 0.93
C ASP D 149 4.86 -22.24 0.97
N VAL D 150 4.00 -22.26 -0.05
CA VAL D 150 2.84 -21.36 -0.10
C VAL D 150 1.91 -21.66 1.08
N ASP D 151 1.72 -22.95 1.36
CA ASP D 151 0.92 -23.39 2.50
C ASP D 151 1.55 -23.01 3.83
N ALA D 152 2.89 -22.98 3.86
CA ALA D 152 3.63 -22.57 5.05
C ALA D 152 3.53 -21.05 5.24
N ALA D 153 3.51 -20.32 4.13
CA ALA D 153 3.37 -18.87 4.12
C ALA D 153 1.96 -18.45 4.52
N VAL D 154 0.96 -19.11 3.95
CA VAL D 154 -0.45 -18.84 4.24
C VAL D 154 -0.75 -19.11 5.72
N ARG D 155 -0.35 -20.29 6.21
CA ARG D 155 -0.52 -20.63 7.63
C ARG D 155 0.29 -19.72 8.54
N GLY D 156 1.41 -19.21 8.01
CA GLY D 156 2.24 -18.24 8.73
C GLY D 156 1.49 -16.92 8.86
N ILE D 157 0.80 -16.54 7.79
CA ILE D 157 -0.02 -15.32 7.75
C ILE D 157 -1.25 -15.47 8.64
N LEU D 158 -1.91 -16.62 8.53
CA LEU D 158 -3.13 -16.91 9.29
C LEU D 158 -2.90 -17.09 10.80
N ARG D 159 -1.65 -17.36 11.19
CA ARG D 159 -1.29 -17.49 12.59
C ARG D 159 -0.69 -16.20 13.17
N ASN D 160 -0.80 -15.11 12.40
CA ASN D 160 -0.27 -13.81 12.80
C ASN D 160 -1.38 -12.76 12.88
N ALA D 161 -1.53 -12.16 14.06
CA ALA D 161 -2.59 -11.17 14.34
C ALA D 161 -2.42 -9.84 13.60
N LYS D 162 -1.22 -9.59 13.07
CA LYS D 162 -0.95 -8.38 12.30
C LYS D 162 -1.17 -8.63 10.81
N LEU D 163 -1.04 -9.89 10.40
CA LEU D 163 -1.15 -10.28 8.99
C LEU D 163 -2.49 -10.86 8.56
N LYS D 164 -3.14 -11.61 9.47
CA LYS D 164 -4.41 -12.27 9.18
C LYS D 164 -5.56 -11.31 8.82
N PRO D 165 -5.78 -10.25 9.62
CA PRO D 165 -6.86 -9.31 9.29
C PRO D 165 -6.59 -8.52 8.01
N VAL D 166 -5.32 -8.40 7.63
CA VAL D 166 -4.93 -7.71 6.41
C VAL D 166 -5.18 -8.62 5.21
N TYR D 167 -4.74 -9.88 5.32
CA TYR D 167 -4.92 -10.89 4.28
C TYR D 167 -6.40 -11.19 4.01
N ASP D 168 -7.22 -11.15 5.06
CA ASP D 168 -8.66 -11.39 4.95
C ASP D 168 -9.39 -10.32 4.14
N SER D 169 -8.97 -9.07 4.31
CA SER D 169 -9.62 -7.95 3.62
C SER D 169 -9.17 -7.82 2.16
N LEU D 170 -7.97 -8.31 1.85
CA LEU D 170 -7.41 -8.21 0.51
C LEU D 170 -8.12 -9.06 -0.54
N ASP D 171 -8.17 -8.54 -1.76
CA ASP D 171 -8.71 -9.28 -2.90
C ASP D 171 -7.71 -10.33 -3.36
N CYS D 172 -8.19 -11.30 -4.14
CA CYS D 172 -7.39 -12.46 -4.58
C CYS D 172 -6.02 -12.13 -5.16
N VAL D 173 -5.95 -11.10 -6.00
CA VAL D 173 -4.68 -10.68 -6.62
C VAL D 173 -3.70 -10.09 -5.59
N ARG D 174 -4.18 -9.17 -4.77
CA ARG D 174 -3.36 -8.53 -3.74
C ARG D 174 -2.88 -9.50 -2.66
N ARG D 175 -3.63 -10.58 -2.46
CA ARG D 175 -3.25 -11.63 -1.51
C ARG D 175 -1.96 -12.31 -1.97
N ALA D 176 -1.81 -12.48 -3.28
CA ALA D 176 -0.61 -13.07 -3.87
C ALA D 176 0.60 -12.18 -3.62
N ALA D 177 0.39 -10.87 -3.73
CA ALA D 177 1.46 -9.89 -3.48
C ALA D 177 1.92 -9.92 -2.02
N LEU D 178 1.00 -10.19 -1.10
CA LEU D 178 1.34 -10.31 0.32
C LEU D 178 2.09 -11.62 0.59
N ILE D 179 1.63 -12.70 -0.04
CA ILE D 179 2.29 -14.00 0.09
C ILE D 179 3.69 -13.94 -0.52
N ASN D 180 3.82 -13.17 -1.61
CA ASN D 180 5.10 -12.96 -2.27
C ASN D 180 6.15 -12.41 -1.29
N MET D 181 5.76 -11.39 -0.53
CA MET D 181 6.64 -10.79 0.46
C MET D 181 6.98 -11.78 1.58
N VAL D 182 5.98 -12.51 2.05
CA VAL D 182 6.15 -13.52 3.11
C VAL D 182 7.04 -14.67 2.63
N PHE D 183 6.94 -14.96 1.33
CA PHE D 183 7.77 -15.98 0.70
C PHE D 183 9.22 -15.52 0.66
N GLN D 184 9.42 -14.22 0.45
CA GLN D 184 10.76 -13.64 0.34
C GLN D 184 11.47 -13.39 1.68
N MET D 185 10.76 -12.78 2.64
CA MET D 185 11.40 -12.39 3.91
C MET D 185 10.82 -13.00 5.19
N GLY D 186 9.86 -13.90 5.06
CA GLY D 186 9.26 -14.58 6.21
C GLY D 186 8.13 -13.82 6.90
N GLU D 187 7.43 -14.51 7.79
CA GLU D 187 6.31 -13.95 8.55
C GLU D 187 6.69 -12.75 9.41
N THR D 188 7.71 -12.92 10.26
CA THR D 188 8.17 -11.87 11.17
C THR D 188 8.67 -10.63 10.44
N GLY D 189 9.28 -10.83 9.27
CA GLY D 189 9.79 -9.73 8.45
C GLY D 189 8.69 -8.84 7.89
N VAL D 190 7.64 -9.45 7.35
CA VAL D 190 6.51 -8.72 6.77
C VAL D 190 5.67 -8.06 7.86
N ALA D 191 5.60 -8.70 9.03
CA ALA D 191 4.88 -8.18 10.18
C ALA D 191 5.48 -6.86 10.69
N GLY D 192 6.74 -6.62 10.33
CA GLY D 192 7.44 -5.39 10.71
C GLY D 192 6.96 -4.15 9.99
N PHE D 193 6.22 -4.33 8.89
CA PHE D 193 5.64 -3.24 8.12
C PHE D 193 4.30 -2.82 8.72
N THR D 194 4.31 -2.49 10.01
CA THR D 194 3.11 -2.14 10.77
C THR D 194 2.21 -1.10 10.10
N ASN D 195 2.77 0.08 9.80
CA ASN D 195 2.00 1.18 9.23
C ASN D 195 1.49 0.90 7.81
N SER D 196 2.32 0.27 6.99
CA SER D 196 1.96 -0.08 5.62
C SER D 196 0.82 -1.10 5.54
N LEU D 197 0.84 -2.07 6.46
CA LEU D 197 -0.19 -3.11 6.52
C LEU D 197 -1.56 -2.54 6.90
N ARG D 198 -1.53 -1.46 7.68
CA ARG D 198 -2.75 -0.76 8.10
C ARG D 198 -3.35 0.02 6.92
N MET D 199 -2.49 0.48 6.02
CA MET D 199 -2.90 1.21 4.83
C MET D 199 -3.59 0.30 3.80
N LEU D 200 -3.05 -0.90 3.64
CA LEU D 200 -3.62 -1.89 2.71
C LEU D 200 -4.99 -2.38 3.16
N GLN D 201 -5.16 -2.51 4.47
CA GLN D 201 -6.42 -2.95 5.06
C GLN D 201 -7.51 -1.90 4.85
N GLN D 202 -7.11 -0.63 4.85
CA GLN D 202 -8.01 0.50 4.65
C GLN D 202 -8.10 0.94 3.19
N LYS D 203 -7.60 0.07 2.30
CA LYS D 203 -7.66 0.25 0.84
C LYS D 203 -6.98 1.51 0.29
N ARG D 204 -6.05 2.08 1.05
CA ARG D 204 -5.28 3.23 0.61
C ARG D 204 -4.12 2.75 -0.26
N TRP D 205 -4.43 2.41 -1.51
CA TRP D 205 -3.47 1.80 -2.43
C TRP D 205 -2.28 2.68 -2.77
N ASP D 206 -2.54 3.93 -3.15
CA ASP D 206 -1.49 4.87 -3.51
C ASP D 206 -0.57 5.20 -2.33
N GLU D 207 -1.17 5.39 -1.15
CA GLU D 207 -0.41 5.70 0.06
C GLU D 207 0.47 4.53 0.51
N ALA D 208 -0.07 3.32 0.43
CA ALA D 208 0.67 2.11 0.79
C ALA D 208 1.84 1.86 -0.16
N ALA D 209 1.63 2.18 -1.43
CA ALA D 209 2.65 2.02 -2.47
C ALA D 209 3.86 2.92 -2.24
N VAL D 210 3.60 4.19 -1.95
CA VAL D 210 4.64 5.19 -1.68
C VAL D 210 5.40 4.83 -0.40
N ASN D 211 4.67 4.37 0.61
CA ASN D 211 5.23 4.02 1.92
C ASN D 211 6.16 2.81 1.85
N LEU D 212 5.75 1.80 1.08
CA LEU D 212 6.54 0.58 0.90
C LEU D 212 7.80 0.78 0.08
N ALA D 213 7.76 1.75 -0.84
CA ALA D 213 8.89 2.03 -1.74
C ALA D 213 10.07 2.72 -1.04
N LYS D 214 9.83 3.23 0.17
CA LYS D 214 10.87 3.90 0.96
C LYS D 214 11.63 2.92 1.86
N SER D 215 11.27 1.63 1.76
CA SER D 215 11.83 0.61 2.64
C SER D 215 13.16 0.00 2.23
N ARG D 216 13.82 -0.61 3.22
CA ARG D 216 15.07 -1.35 3.06
C ARG D 216 14.87 -2.48 2.05
N TRP D 217 13.69 -3.11 2.11
CA TRP D 217 13.30 -4.17 1.18
C TRP D 217 13.33 -3.69 -0.27
N TYR D 218 12.86 -2.46 -0.51
CA TYR D 218 12.86 -1.88 -1.84
C TYR D 218 14.29 -1.60 -2.33
N ASN D 219 15.14 -1.08 -1.43
CA ASN D 219 16.53 -0.80 -1.77
C ASN D 219 17.35 -2.04 -2.13
N GLN D 220 17.11 -3.13 -1.40
CA GLN D 220 17.84 -4.38 -1.61
C GLN D 220 17.49 -5.08 -2.93
N THR D 221 16.20 -5.16 -3.23
CA THR D 221 15.73 -5.77 -4.48
C THR D 221 14.71 -4.87 -5.18
N PRO D 222 15.19 -3.76 -5.80
CA PRO D 222 14.31 -2.77 -6.44
C PRO D 222 13.34 -3.34 -7.47
N ASN D 223 13.86 -4.06 -8.47
CA ASN D 223 13.05 -4.62 -9.57
C ASN D 223 11.87 -5.47 -9.11
N ARG D 224 12.13 -6.37 -8.16
CA ARG D 224 11.09 -7.25 -7.63
C ARG D 224 10.11 -6.48 -6.74
N ALA D 225 10.62 -5.61 -5.88
CA ALA D 225 9.80 -4.80 -5.00
C ALA D 225 8.83 -3.92 -5.79
N LYS D 226 9.32 -3.31 -6.87
CA LYS D 226 8.51 -2.49 -7.76
C LYS D 226 7.28 -3.25 -8.26
N ARG D 227 7.53 -4.48 -8.73
CA ARG D 227 6.47 -5.34 -9.27
C ARG D 227 5.44 -5.71 -8.21
N VAL D 228 5.91 -6.08 -7.01
CA VAL D 228 5.02 -6.42 -5.90
C VAL D 228 4.18 -5.21 -5.50
N ILE D 229 4.83 -4.05 -5.41
CA ILE D 229 4.16 -2.79 -5.07
C ILE D 229 3.11 -2.41 -6.11
N THR D 230 3.47 -2.51 -7.39
CA THR D 230 2.54 -2.23 -8.48
C THR D 230 1.30 -3.12 -8.40
N THR D 231 1.50 -4.37 -7.99
CA THR D 231 0.41 -5.33 -7.79
C THR D 231 -0.51 -4.84 -6.66
N PHE D 232 0.09 -4.35 -5.57
CA PHE D 232 -0.66 -3.81 -4.44
C PHE D 232 -1.43 -2.53 -4.82
N ARG D 233 -0.84 -1.75 -5.71
CA ARG D 233 -1.39 -0.45 -6.11
C ARG D 233 -2.55 -0.56 -7.11
N THR D 234 -2.38 -1.40 -8.13
CA THR D 234 -3.38 -1.54 -9.20
C THR D 234 -4.36 -2.70 -8.99
N GLY D 235 -3.89 -3.78 -8.40
CA GLY D 235 -4.72 -4.98 -8.21
C GLY D 235 -4.81 -5.79 -9.48
N THR D 236 -3.75 -5.72 -10.30
CA THR D 236 -3.68 -6.44 -11.57
C THR D 236 -2.29 -7.08 -11.75
N TRP D 237 -2.09 -7.70 -12.92
CA TRP D 237 -0.81 -8.33 -13.26
C TRP D 237 -0.06 -7.54 -14.33
N ASP D 238 -0.19 -6.21 -14.30
CA ASP D 238 0.45 -5.32 -15.27
C ASP D 238 1.97 -5.37 -15.24
N ALA D 239 2.54 -5.49 -14.04
CA ALA D 239 3.99 -5.53 -13.85
C ALA D 239 4.62 -6.87 -14.27
N TYR D 240 3.81 -7.92 -14.34
CA TYR D 240 4.30 -9.25 -14.68
C TYR D 240 3.97 -9.70 -16.11
N LYS D 241 3.35 -8.82 -16.89
CA LYS D 241 3.04 -9.11 -18.29
C LYS D 241 4.12 -8.58 -19.22
MN MN E . 20.71 18.41 20.04
MN MN F . 12.02 17.83 0.79
MN MN G . -14.43 35.65 -22.16
MN MN H . 14.94 -16.30 -3.15
MN MN I . 3.40 -30.26 -13.36
#